data_4Q9U
#
_entry.id   4Q9U
#
_cell.length_a   174.821
_cell.length_b   174.821
_cell.length_c   148.995
_cell.angle_alpha   90.000
_cell.angle_beta   90.000
_cell.angle_gamma   90.000
#
_symmetry.space_group_name_H-M   'P 41 21 2'
#
loop_
_entity.id
_entity.type
_entity.pdbx_description
1 polymer 'Rab5 GDP/GTP exchange factor'
2 polymer 'Ras-related protein Rab-5A'
3 polymer 'Rab GTPase-binding effector protein 1'
#
loop_
_entity_poly.entity_id
_entity_poly.type
_entity_poly.pdbx_seq_one_letter_code
_entity_poly.pdbx_strand_id
1 'polypeptide(L)'
;MGHHHHHHSIETDRVSKEFIEFLKTFHKTGQEIYKQTKLFLEGMHYKRDLSIEEQSECAQDFYHNVAERMQTRGKVPPER
VEKIMDQIEKYIMTRLYKYVFCPETTDDEKKDLAIQKRIRALRWVTPQMLCVPVNEDIPEVSDMVVKAITDIIEMDSKRV
PRDKLACITKCSKHIFNAIKITKNEPASADDFLPTLIYIVLKGNPPRLQSNIQYITRFCNPSRLMTGEDGYYFTNLCCAV
AFIEKLDAQSLNLSQEDFDRYMSGQTSPRKQMYKNLDLLSQLNERQERIMNEAKKLEKDLIDWTDGIAREVQDIVEK
;
A,E
2 'polypeptide(L)'
;SGNKICQFKLVLLGESAVGKSSLVLRFVKGQFHEFQESTIGAAFLTQTVCLDDTTVKFEIWDTAGQERYHSLAPMYYRGA
QAAIVVYDITNEESFARAKNWVKELQRQASPNIVIALSGNKADLANKRAVDFQEAQSYADDNSLLFMETSAKTSMNVNEI
FMAIAKKLPKN
;
B,F
3 'polypeptide(L)'
;METRDQVKKLQLMLRQANDQLEKTMKDKQELEDFIKQSSEDSSHQISALVLRAQASEILLEELQQGLSQAKRDVQEQMAV
LMQSREQVSEEL
;
C,D,G,H
#
# COMPACT_ATOMS: atom_id res chain seq x y z
N GLU A 11 -8.60 -49.83 -9.85
CA GLU A 11 -8.15 -49.06 -11.01
C GLU A 11 -7.06 -49.81 -11.76
N THR A 12 -6.15 -50.46 -11.04
CA THR A 12 -5.18 -51.38 -11.67
C THR A 12 -6.01 -52.42 -12.42
N ASP A 13 -7.24 -52.59 -11.95
CA ASP A 13 -8.24 -53.42 -12.60
C ASP A 13 -8.75 -52.84 -13.92
N ARG A 14 -9.36 -51.66 -13.86
CA ARG A 14 -10.21 -51.10 -14.91
C ARG A 14 -9.67 -50.74 -16.31
N VAL A 15 -8.43 -50.24 -16.43
CA VAL A 15 -7.97 -49.74 -17.75
C VAL A 15 -7.86 -50.81 -18.81
N SER A 16 -7.67 -52.05 -18.35
CA SER A 16 -7.62 -53.21 -19.23
C SER A 16 -8.80 -53.24 -20.18
N LYS A 17 -9.96 -52.73 -19.75
CA LYS A 17 -11.11 -52.68 -20.62
C LYS A 17 -11.03 -51.46 -21.57
N GLU A 18 -10.90 -50.25 -21.00
CA GLU A 18 -10.98 -48.99 -21.77
C GLU A 18 -10.03 -48.96 -22.96
N PHE A 19 -8.82 -49.43 -22.71
CA PHE A 19 -7.76 -49.43 -23.69
C PHE A 19 -8.12 -50.28 -24.88
N ILE A 20 -8.65 -51.45 -24.59
CA ILE A 20 -9.04 -52.34 -25.65
C ILE A 20 -10.14 -51.76 -26.50
N GLU A 21 -11.07 -51.07 -25.83
CA GLU A 21 -12.19 -50.45 -26.51
C GLU A 21 -11.65 -49.49 -27.57
N PHE A 22 -10.48 -48.91 -27.28
CA PHE A 22 -9.90 -47.98 -28.23
C PHE A 22 -9.33 -48.65 -29.48
N LEU A 23 -8.59 -49.73 -29.29
CA LEU A 23 -7.83 -50.32 -30.39
C LEU A 23 -8.65 -51.28 -31.24
N LYS A 24 -9.83 -51.66 -30.72
CA LYS A 24 -10.70 -52.68 -31.35
C LYS A 24 -11.18 -52.37 -32.78
N THR A 25 -11.12 -51.12 -33.19
CA THR A 25 -11.48 -50.75 -34.56
C THR A 25 -10.46 -51.29 -35.56
N PHE A 26 -9.21 -51.42 -35.09
CA PHE A 26 -8.08 -51.85 -35.92
C PHE A 26 -7.93 -53.36 -36.08
N HIS A 27 -8.25 -53.85 -37.27
CA HIS A 27 -8.19 -55.28 -37.62
C HIS A 27 -6.79 -55.56 -38.16
N LYS A 28 -5.90 -54.60 -37.98
CA LYS A 28 -4.59 -54.66 -38.61
C LYS A 28 -3.40 -54.45 -37.67
N THR A 29 -3.29 -53.25 -37.13
CA THR A 29 -2.14 -52.88 -36.33
C THR A 29 -2.37 -53.01 -34.83
N GLY A 30 -3.63 -53.15 -34.43
CA GLY A 30 -3.94 -53.23 -33.00
C GLY A 30 -3.14 -54.30 -32.28
N GLN A 31 -3.07 -55.47 -32.90
CA GLN A 31 -2.36 -56.60 -32.30
C GLN A 31 -0.88 -56.31 -32.39
N GLU A 32 -0.51 -55.85 -33.60
CA GLU A 32 0.86 -55.58 -34.01
C GLU A 32 1.58 -54.75 -32.95
N ILE A 33 0.97 -53.67 -32.50
CA ILE A 33 1.56 -52.95 -31.37
C ILE A 33 1.36 -53.67 -30.02
N TYR A 34 0.14 -54.16 -29.75
CA TYR A 34 -0.18 -54.66 -28.41
C TYR A 34 0.78 -55.71 -27.82
N LYS A 35 0.94 -56.85 -28.50
CA LYS A 35 1.79 -57.90 -27.90
C LYS A 35 3.24 -57.41 -27.73
N GLN A 36 3.71 -56.67 -28.73
CA GLN A 36 5.04 -56.05 -28.72
C GLN A 36 5.27 -55.24 -27.44
N THR A 37 4.27 -54.45 -27.08
CA THR A 37 4.36 -53.69 -25.85
C THR A 37 4.42 -54.54 -24.60
N LYS A 38 3.42 -55.42 -24.44
CA LYS A 38 3.35 -56.17 -23.18
C LYS A 38 4.56 -57.11 -22.99
N LEU A 39 5.32 -57.43 -24.05
CA LEU A 39 6.53 -58.22 -23.81
C LEU A 39 7.57 -57.55 -22.88
N PHE A 40 8.18 -56.47 -23.36
CA PHE A 40 9.17 -55.77 -22.56
C PHE A 40 8.51 -55.14 -21.35
N LEU A 41 7.23 -54.83 -21.48
CA LEU A 41 6.52 -54.30 -20.33
C LEU A 41 6.52 -55.35 -19.22
N GLU A 42 6.21 -56.59 -19.57
CA GLU A 42 6.33 -57.70 -18.63
C GLU A 42 7.72 -57.64 -18.03
N GLY A 43 8.69 -57.29 -18.87
CA GLY A 43 10.04 -57.04 -18.39
C GLY A 43 10.18 -56.05 -17.26
N MET A 44 9.48 -54.92 -17.33
CA MET A 44 9.66 -53.84 -16.33
C MET A 44 9.24 -54.16 -14.90
N HIS A 45 8.38 -55.14 -14.73
CA HIS A 45 8.11 -55.59 -13.36
C HIS A 45 9.32 -56.28 -12.76
N TYR A 46 10.02 -57.06 -13.59
CA TYR A 46 11.30 -57.68 -13.21
C TYR A 46 12.40 -56.63 -13.03
N LYS A 47 12.41 -55.63 -13.88
CA LYS A 47 13.44 -54.60 -13.86
C LYS A 47 13.17 -53.49 -12.80
N ARG A 48 12.03 -53.58 -12.08
CA ARG A 48 11.66 -52.58 -11.03
C ARG A 48 12.82 -52.26 -10.06
N ASP A 49 13.77 -53.19 -9.97
CA ASP A 49 14.95 -53.04 -9.11
C ASP A 49 16.16 -52.42 -9.81
N LEU A 50 16.10 -52.24 -11.13
CA LEU A 50 17.23 -51.64 -11.86
C LEU A 50 17.32 -50.16 -11.58
N SER A 51 18.46 -49.57 -11.94
CA SER A 51 18.67 -48.13 -11.75
C SER A 51 17.53 -47.29 -12.36
N ILE A 52 17.06 -46.28 -11.63
CA ILE A 52 15.88 -45.49 -12.01
C ILE A 52 16.11 -44.78 -13.31
N GLU A 53 17.32 -44.28 -13.45
CA GLU A 53 17.71 -43.63 -14.66
C GLU A 53 17.51 -44.63 -15.80
N GLU A 54 17.80 -45.90 -15.55
CA GLU A 54 17.59 -46.92 -16.56
C GLU A 54 16.10 -47.17 -16.75
N GLN A 55 15.32 -46.80 -15.73
CA GLN A 55 13.88 -47.04 -15.78
C GLN A 55 13.23 -46.09 -16.74
N SER A 56 13.49 -44.81 -16.53
CA SER A 56 12.97 -43.85 -17.46
C SER A 56 13.66 -44.13 -18.78
N GLU A 57 14.80 -44.80 -18.72
CA GLU A 57 15.53 -45.05 -19.95
C GLU A 57 14.81 -46.01 -20.87
N CYS A 58 14.51 -47.24 -20.45
CA CYS A 58 13.77 -48.10 -21.37
C CYS A 58 12.30 -47.64 -21.55
N ALA A 59 11.85 -46.67 -20.73
CA ALA A 59 10.56 -46.02 -21.05
C ALA A 59 10.63 -45.01 -22.22
N GLN A 60 11.64 -44.14 -22.20
CA GLN A 60 11.82 -43.20 -23.29
C GLN A 60 12.23 -43.93 -24.56
N ASP A 61 13.07 -44.96 -24.40
CA ASP A 61 13.37 -45.84 -25.51
C ASP A 61 12.09 -46.43 -26.09
N PHE A 62 11.29 -47.17 -25.32
CA PHE A 62 10.12 -47.82 -25.89
C PHE A 62 9.14 -46.83 -26.56
N TYR A 63 9.01 -45.63 -25.98
CA TYR A 63 8.27 -44.54 -26.62
C TYR A 63 8.78 -44.31 -28.02
N HIS A 64 10.02 -43.86 -28.10
CA HIS A 64 10.62 -43.52 -29.37
C HIS A 64 10.64 -44.72 -30.35
N ASN A 65 10.84 -45.95 -29.84
CA ASN A 65 10.96 -47.15 -30.67
C ASN A 65 9.67 -47.53 -31.34
N VAL A 66 8.55 -47.41 -30.62
CA VAL A 66 7.31 -47.68 -31.33
C VAL A 66 7.27 -46.57 -32.34
N ALA A 67 7.57 -45.35 -31.89
CA ALA A 67 7.46 -44.18 -32.76
C ALA A 67 8.12 -44.35 -34.14
N GLU A 68 9.27 -45.02 -34.20
CA GLU A 68 9.86 -45.32 -35.51
C GLU A 68 9.23 -46.56 -36.15
N ARG A 69 9.04 -47.62 -35.35
CA ARG A 69 8.64 -48.93 -35.86
C ARG A 69 7.30 -48.95 -36.61
N MET A 70 6.34 -48.18 -36.12
CA MET A 70 5.03 -48.17 -36.78
C MET A 70 5.15 -47.56 -38.14
N GLN A 71 6.02 -46.57 -38.25
CA GLN A 71 6.30 -45.93 -39.52
C GLN A 71 7.02 -46.90 -40.44
N THR A 72 7.84 -47.77 -39.84
CA THR A 72 8.60 -48.74 -40.62
C THR A 72 7.71 -49.78 -41.30
N ARG A 73 6.84 -50.44 -40.54
CA ARG A 73 5.98 -51.38 -41.22
C ARG A 73 4.65 -50.79 -41.62
N GLY A 74 4.00 -50.21 -40.62
CA GLY A 74 2.62 -49.77 -40.68
C GLY A 74 2.30 -48.38 -41.18
N LYS A 75 3.27 -47.48 -41.07
CA LYS A 75 3.09 -46.10 -41.54
C LYS A 75 1.80 -45.44 -41.04
N PRO A 77 0.71 -40.56 -39.83
CA PRO A 77 0.85 -39.12 -40.08
C PRO A 77 1.02 -38.35 -38.77
N PRO A 78 2.01 -37.44 -38.72
CA PRO A 78 2.34 -36.77 -37.46
C PRO A 78 1.36 -35.67 -37.12
N GLU A 79 0.46 -35.36 -38.04
CA GLU A 79 -0.61 -34.43 -37.72
C GLU A 79 -1.44 -35.05 -36.61
N ARG A 80 -1.55 -36.37 -36.70
CA ARG A 80 -2.34 -37.18 -35.77
C ARG A 80 -1.76 -37.68 -34.39
N VAL A 81 -0.43 -37.82 -34.24
CA VAL A 81 0.23 -38.40 -33.02
C VAL A 81 -0.07 -37.83 -31.59
N GLU A 82 -0.20 -36.51 -31.48
CA GLU A 82 -0.47 -35.82 -30.23
C GLU A 82 -1.70 -36.38 -29.52
N LYS A 83 -2.62 -36.94 -30.31
CA LYS A 83 -3.87 -37.47 -29.81
C LYS A 83 -3.79 -38.91 -29.32
N ILE A 84 -2.87 -39.71 -29.87
CA ILE A 84 -2.62 -41.07 -29.36
C ILE A 84 -1.69 -41.14 -28.13
N MET A 85 -0.84 -40.11 -28.06
CA MET A 85 0.21 -40.00 -27.05
C MET A 85 -0.37 -40.02 -25.65
N ASP A 86 -1.61 -39.60 -25.50
CA ASP A 86 -2.24 -39.67 -24.19
C ASP A 86 -2.53 -41.14 -23.86
N GLN A 87 -3.32 -41.78 -24.72
CA GLN A 87 -3.89 -43.10 -24.43
C GLN A 87 -2.85 -44.18 -24.09
N ILE A 88 -1.79 -44.19 -24.88
CA ILE A 88 -0.85 -45.29 -24.66
C ILE A 88 -0.26 -45.23 -23.28
N GLU A 89 0.31 -44.09 -22.92
CA GLU A 89 0.92 -43.96 -21.62
C GLU A 89 -0.12 -44.15 -20.53
N LYS A 90 -1.38 -43.88 -20.86
CA LYS A 90 -2.41 -44.07 -19.86
C LYS A 90 -2.44 -45.54 -19.40
N TYR A 91 -2.46 -46.47 -20.37
CA TYR A 91 -2.53 -47.87 -19.92
C TYR A 91 -1.36 -48.25 -19.01
N ILE A 92 -0.14 -47.78 -19.31
CA ILE A 92 1.02 -48.21 -18.53
C ILE A 92 0.97 -47.68 -17.14
N MET A 93 0.83 -46.36 -17.03
CA MET A 93 0.88 -45.77 -15.72
C MET A 93 -0.19 -46.37 -14.82
N THR A 94 -1.36 -46.76 -15.36
CA THR A 94 -2.37 -47.36 -14.48
C THR A 94 -1.82 -48.55 -13.64
N ARG A 95 -1.17 -49.52 -14.28
CA ARG A 95 -0.54 -50.58 -13.49
C ARG A 95 0.73 -50.03 -12.81
N LEU A 96 1.48 -49.16 -13.49
CA LEU A 96 2.85 -48.79 -13.08
C LEU A 96 3.18 -47.71 -12.05
N TYR A 97 2.23 -46.81 -11.82
CA TYR A 97 2.40 -45.68 -10.92
C TYR A 97 2.99 -46.15 -9.63
N LYS A 98 2.40 -47.22 -9.10
CA LYS A 98 2.81 -47.83 -7.85
C LYS A 98 4.30 -48.13 -7.78
N TYR A 99 4.89 -48.61 -8.88
CA TYR A 99 6.31 -48.94 -8.87
C TYR A 99 7.11 -47.68 -8.98
N VAL A 100 6.64 -46.80 -9.85
CA VAL A 100 7.47 -45.70 -10.33
C VAL A 100 7.35 -44.30 -9.66
N PHE A 101 6.32 -44.08 -8.84
CA PHE A 101 6.18 -42.79 -8.19
C PHE A 101 7.07 -42.76 -6.96
N CYS A 102 7.74 -41.63 -6.73
CA CYS A 102 8.58 -41.44 -5.53
C CYS A 102 9.38 -42.65 -5.09
N PRO A 103 10.44 -42.99 -5.84
CA PRO A 103 11.24 -44.18 -5.51
C PRO A 103 11.85 -44.13 -4.13
N GLU A 104 11.89 -45.30 -3.52
CA GLU A 104 12.39 -45.45 -2.18
C GLU A 104 13.88 -45.31 -2.30
N THR A 105 14.38 -45.65 -3.48
CA THR A 105 15.80 -45.57 -3.74
C THR A 105 16.22 -44.12 -3.86
N THR A 106 15.25 -43.24 -4.17
CA THR A 106 15.59 -41.86 -4.51
C THR A 106 15.27 -40.85 -3.40
N ASP A 107 15.64 -39.59 -3.65
CA ASP A 107 15.48 -38.50 -2.70
C ASP A 107 14.16 -37.78 -2.89
N ASP A 108 13.33 -38.30 -3.77
CA ASP A 108 12.08 -37.65 -4.12
C ASP A 108 11.31 -37.31 -2.86
N GLU A 109 11.06 -38.34 -2.05
CA GLU A 109 10.38 -38.21 -0.78
C GLU A 109 10.97 -37.05 0.01
N LYS A 110 12.29 -37.03 0.09
CA LYS A 110 12.99 -36.06 0.90
C LYS A 110 12.74 -34.61 0.48
N LYS A 111 12.92 -34.30 -0.79
CA LYS A 111 12.75 -32.92 -1.22
C LYS A 111 11.28 -32.57 -1.33
N ASP A 112 10.43 -33.60 -1.41
CA ASP A 112 8.98 -33.43 -1.34
C ASP A 112 8.61 -32.86 0.01
N LEU A 113 9.26 -33.38 1.05
CA LEU A 113 9.03 -32.80 2.37
C LEU A 113 9.79 -31.47 2.56
N ALA A 114 10.97 -31.36 1.96
CA ALA A 114 11.74 -30.12 2.05
C ALA A 114 10.89 -28.97 1.54
N ILE A 115 10.31 -29.17 0.34
CA ILE A 115 9.46 -28.16 -0.25
C ILE A 115 8.19 -27.97 0.56
N GLN A 116 7.58 -29.05 1.03
CA GLN A 116 6.31 -28.94 1.75
C GLN A 116 6.49 -28.02 2.96
N LYS A 117 7.61 -28.18 3.67
CA LYS A 117 7.96 -27.28 4.79
C LYS A 117 8.34 -25.89 4.27
N ARG A 118 9.14 -25.85 3.20
CA ARG A 118 9.54 -24.58 2.59
C ARG A 118 8.32 -23.68 2.35
N ILE A 119 7.34 -24.17 1.58
CA ILE A 119 6.11 -23.42 1.37
C ILE A 119 5.28 -23.27 2.65
N ARG A 120 5.31 -24.29 3.50
CA ARG A 120 4.60 -24.19 4.77
C ARG A 120 4.98 -22.90 5.47
N ALA A 121 6.26 -22.56 5.40
CA ALA A 121 6.78 -21.38 6.06
C ALA A 121 6.40 -20.12 5.29
N LEU A 122 5.70 -20.29 4.18
CA LEU A 122 5.43 -19.12 3.35
C LEU A 122 4.11 -18.40 3.65
N ARG A 123 3.53 -18.70 4.81
CA ARG A 123 2.20 -18.20 5.20
C ARG A 123 2.06 -16.68 5.28
N TRP A 124 3.16 -15.97 5.16
CA TRP A 124 3.09 -14.53 5.31
C TRP A 124 2.94 -13.72 3.99
N VAL A 125 2.85 -14.38 2.82
CA VAL A 125 2.98 -13.65 1.52
C VAL A 125 1.83 -12.73 0.99
N THR A 126 2.21 -11.57 0.49
CA THR A 126 1.25 -10.71 -0.17
C THR A 126 1.86 -10.20 -1.49
N PRO A 127 1.05 -10.01 -2.53
CA PRO A 127 1.55 -9.57 -3.82
C PRO A 127 1.80 -8.09 -3.84
N GLN A 128 2.21 -7.56 -2.70
CA GLN A 128 2.61 -6.17 -2.56
C GLN A 128 4.13 -6.25 -2.64
N MET A 129 4.59 -7.40 -2.18
CA MET A 129 5.96 -7.82 -2.22
C MET A 129 6.30 -8.22 -3.65
N LEU A 130 5.42 -9.02 -4.25
CA LEU A 130 5.60 -9.50 -5.63
C LEU A 130 4.97 -8.66 -6.71
N CYS A 131 3.98 -7.85 -6.35
CA CYS A 131 3.30 -7.00 -7.33
C CYS A 131 2.61 -7.87 -8.41
N VAL A 132 1.83 -8.88 -8.01
CA VAL A 132 1.06 -9.64 -9.02
C VAL A 132 -0.10 -8.80 -9.54
N PRO A 133 -0.29 -8.83 -10.86
CA PRO A 133 -1.39 -8.03 -11.39
C PRO A 133 -2.71 -8.77 -11.31
N VAL A 134 -3.15 -9.09 -10.09
CA VAL A 134 -4.49 -9.64 -9.90
C VAL A 134 -5.13 -8.88 -8.75
N ASN A 135 -6.46 -8.82 -8.78
CA ASN A 135 -7.28 -8.34 -7.68
C ASN A 135 -8.42 -9.30 -7.35
N GLU A 136 -8.24 -9.95 -6.21
CA GLU A 136 -9.03 -11.08 -5.81
C GLU A 136 -10.30 -10.65 -5.15
N ASP A 137 -10.43 -9.36 -4.94
CA ASP A 137 -11.57 -8.85 -4.22
C ASP A 137 -12.90 -9.19 -4.88
N ILE A 138 -12.93 -9.27 -6.21
CA ILE A 138 -14.18 -9.62 -6.88
C ILE A 138 -14.45 -11.14 -6.83
N PRO A 139 -15.69 -11.50 -6.46
CA PRO A 139 -16.15 -12.87 -6.16
C PRO A 139 -15.75 -13.84 -7.22
N GLU A 140 -16.01 -13.46 -8.46
CA GLU A 140 -15.65 -14.31 -9.57
C GLU A 140 -14.15 -14.52 -9.57
N VAL A 141 -13.40 -13.41 -9.47
CA VAL A 141 -11.96 -13.52 -9.57
C VAL A 141 -11.36 -14.51 -8.58
N SER A 142 -11.84 -14.46 -7.34
CA SER A 142 -11.44 -15.41 -6.30
C SER A 142 -11.99 -16.79 -6.55
N ASP A 143 -13.08 -16.87 -7.31
CA ASP A 143 -13.68 -18.16 -7.61
C ASP A 143 -12.80 -18.95 -8.56
N MET A 144 -12.23 -18.25 -9.54
CA MET A 144 -11.27 -18.89 -10.45
C MET A 144 -9.86 -18.99 -9.89
N VAL A 145 -9.57 -18.14 -8.91
CA VAL A 145 -8.36 -18.27 -8.11
C VAL A 145 -8.41 -19.61 -7.41
N VAL A 146 -9.50 -19.80 -6.68
CA VAL A 146 -9.76 -21.01 -5.92
C VAL A 146 -9.60 -22.16 -6.88
N LYS A 147 -10.22 -22.04 -8.04
CA LYS A 147 -10.11 -23.14 -8.99
C LYS A 147 -8.73 -23.52 -9.45
N ALA A 148 -7.88 -22.56 -9.76
CA ALA A 148 -6.51 -22.90 -10.14
C ALA A 148 -5.87 -23.74 -9.02
N ILE A 149 -6.09 -23.29 -7.79
CA ILE A 149 -5.61 -24.06 -6.64
C ILE A 149 -6.25 -25.45 -6.53
N THR A 150 -7.52 -25.56 -6.87
CA THR A 150 -8.24 -26.80 -6.71
C THR A 150 -7.64 -27.74 -7.73
N ASP A 151 -7.12 -27.15 -8.81
CA ASP A 151 -6.49 -27.89 -9.90
C ASP A 151 -5.12 -28.43 -9.54
N ILE A 152 -4.28 -27.60 -8.92
CA ILE A 152 -2.94 -28.06 -8.51
C ILE A 152 -3.02 -29.03 -7.33
N ILE A 153 -4.06 -28.88 -6.52
CA ILE A 153 -4.30 -29.86 -5.47
C ILE A 153 -4.63 -31.14 -6.25
N GLU A 154 -5.64 -31.07 -7.10
CA GLU A 154 -6.17 -32.23 -7.83
C GLU A 154 -5.10 -32.83 -8.73
N MET A 155 -3.98 -32.12 -8.86
CA MET A 155 -2.88 -32.50 -9.73
C MET A 155 -2.29 -33.82 -9.26
N ASP A 156 -2.26 -34.01 -7.96
CA ASP A 156 -1.69 -35.23 -7.44
C ASP A 156 -2.60 -36.43 -7.68
N SER A 157 -3.90 -36.20 -7.63
CA SER A 157 -4.89 -37.27 -7.74
C SER A 157 -4.73 -38.14 -8.97
N LYS A 158 -4.25 -37.55 -10.04
CA LYS A 158 -4.21 -38.26 -11.30
C LYS A 158 -3.07 -39.23 -11.30
N ARG A 159 -3.42 -40.46 -11.67
CA ARG A 159 -2.50 -41.57 -11.73
C ARG A 159 -1.58 -41.38 -12.96
N VAL A 160 -2.19 -41.03 -14.10
CA VAL A 160 -1.48 -40.78 -15.36
C VAL A 160 -1.00 -39.32 -15.44
N PRO A 161 0.12 -39.08 -16.12
CA PRO A 161 0.65 -37.74 -16.43
C PRO A 161 -0.10 -36.91 -17.48
N ARG A 162 -0.94 -37.47 -18.36
CA ARG A 162 -1.81 -36.67 -19.27
C ARG A 162 -2.85 -35.90 -18.47
N ASP A 163 -3.62 -36.62 -17.65
CA ASP A 163 -4.62 -36.02 -16.78
C ASP A 163 -3.92 -34.99 -15.90
N LYS A 164 -2.70 -35.33 -15.52
CA LYS A 164 -1.85 -34.46 -14.73
C LYS A 164 -1.52 -33.17 -15.48
N LEU A 165 -0.88 -33.34 -16.62
CA LEU A 165 -0.39 -32.21 -17.38
C LEU A 165 -1.57 -31.34 -17.73
N ALA A 166 -2.73 -31.96 -17.77
CA ALA A 166 -3.95 -31.21 -17.96
C ALA A 166 -4.27 -30.43 -16.69
N CYS A 167 -3.90 -30.93 -15.51
CA CYS A 167 -4.15 -30.13 -14.32
C CYS A 167 -3.23 -28.93 -14.29
N ILE A 168 -2.03 -29.13 -14.81
CA ILE A 168 -1.08 -28.04 -14.91
C ILE A 168 -1.65 -26.95 -15.79
N THR A 169 -2.00 -27.37 -17.00
CA THR A 169 -2.55 -26.49 -18.00
C THR A 169 -3.77 -25.79 -17.42
N LYS A 170 -4.78 -26.58 -17.10
CA LYS A 170 -6.03 -26.11 -16.52
C LYS A 170 -5.85 -25.11 -15.38
N CYS A 171 -4.88 -25.39 -14.49
CA CYS A 171 -4.60 -24.49 -13.37
C CYS A 171 -4.12 -23.16 -13.91
N SER A 172 -3.03 -23.21 -14.67
CA SER A 172 -2.44 -22.02 -15.28
C SER A 172 -3.51 -21.26 -16.06
N LYS A 173 -4.51 -22.00 -16.51
CA LYS A 173 -5.62 -21.46 -17.23
C LYS A 173 -6.57 -20.72 -16.31
N HIS A 174 -6.89 -21.28 -15.15
CA HIS A 174 -7.74 -20.54 -14.22
C HIS A 174 -6.97 -19.28 -13.69
N ILE A 175 -5.65 -19.30 -13.87
CA ILE A 175 -4.77 -18.19 -13.51
C ILE A 175 -4.75 -17.06 -14.55
N PHE A 176 -4.66 -17.43 -15.83
CA PHE A 176 -4.78 -16.47 -16.90
C PHE A 176 -6.14 -15.87 -16.85
N ASN A 177 -7.10 -16.69 -16.49
CA ASN A 177 -8.45 -16.19 -16.47
C ASN A 177 -8.56 -15.09 -15.45
N ALA A 178 -8.12 -15.36 -14.23
CA ALA A 178 -8.19 -14.33 -13.22
C ALA A 178 -7.33 -13.14 -13.61
N ILE A 179 -6.24 -13.42 -14.35
CA ILE A 179 -5.32 -12.36 -14.76
C ILE A 179 -6.15 -11.42 -15.65
N LYS A 180 -6.93 -12.00 -16.54
CA LYS A 180 -7.66 -11.19 -17.48
C LYS A 180 -8.83 -10.46 -16.88
N ILE A 181 -9.50 -11.05 -15.91
CA ILE A 181 -10.64 -10.35 -15.32
C ILE A 181 -10.18 -9.22 -14.42
N THR A 182 -9.01 -9.38 -13.84
CA THR A 182 -8.50 -8.41 -12.89
C THR A 182 -7.84 -7.26 -13.62
N LYS A 183 -7.06 -7.61 -14.61
CA LYS A 183 -6.46 -6.62 -15.48
C LYS A 183 -7.33 -6.08 -16.65
N ASN A 184 -8.05 -6.96 -17.36
CA ASN A 184 -8.82 -6.63 -18.60
C ASN A 184 -7.93 -6.28 -19.80
N GLU A 185 -6.64 -6.48 -19.58
CA GLU A 185 -5.63 -6.51 -20.59
C GLU A 185 -5.16 -7.94 -20.35
N PRO A 186 -4.74 -8.66 -21.39
CA PRO A 186 -4.19 -9.98 -21.07
C PRO A 186 -2.80 -9.85 -20.40
N ALA A 187 -2.18 -10.96 -19.99
CA ALA A 187 -0.93 -10.92 -19.21
C ALA A 187 0.36 -11.30 -19.93
N SER A 188 1.39 -10.48 -19.77
CA SER A 188 2.72 -10.92 -20.12
C SER A 188 3.17 -11.81 -18.95
N ALA A 189 4.35 -12.42 -19.02
CA ALA A 189 4.86 -13.12 -17.85
C ALA A 189 5.48 -12.13 -16.85
N ASP A 190 5.44 -10.85 -17.21
CA ASP A 190 5.63 -9.80 -16.21
C ASP A 190 4.34 -9.76 -15.38
N ASP A 191 3.22 -10.02 -16.06
CA ASP A 191 1.92 -10.04 -15.43
C ASP A 191 1.48 -11.43 -15.05
N PHE A 192 2.42 -12.40 -15.03
CA PHE A 192 2.02 -13.82 -14.90
C PHE A 192 2.74 -14.73 -13.89
N LEU A 193 4.05 -14.85 -14.02
CA LEU A 193 4.81 -15.71 -13.14
C LEU A 193 4.50 -15.50 -11.67
N PRO A 194 4.57 -14.23 -11.20
CA PRO A 194 4.31 -14.05 -9.77
C PRO A 194 2.88 -14.48 -9.41
N THR A 195 1.99 -14.59 -10.40
CA THR A 195 0.64 -15.09 -10.16
C THR A 195 0.62 -16.53 -9.77
N LEU A 196 1.15 -17.36 -10.67
CA LEU A 196 1.19 -18.81 -10.47
C LEU A 196 1.91 -19.11 -9.18
N ILE A 197 3.02 -18.41 -8.95
CA ILE A 197 3.71 -18.50 -7.68
C ILE A 197 2.75 -18.14 -6.57
N TYR A 198 1.89 -17.17 -6.82
CA TYR A 198 0.97 -16.81 -5.79
C TYR A 198 0.06 -18.02 -5.56
N ILE A 199 -0.32 -18.74 -6.61
CA ILE A 199 -1.18 -19.94 -6.47
C ILE A 199 -0.46 -21.14 -5.78
N VAL A 200 0.80 -21.42 -6.15
CA VAL A 200 1.62 -22.54 -5.64
C VAL A 200 1.84 -22.33 -4.20
N LEU A 201 2.07 -21.06 -3.90
CA LEU A 201 2.41 -20.60 -2.60
C LEU A 201 1.21 -20.84 -1.73
N LYS A 202 0.08 -20.77 -2.38
CA LYS A 202 -1.15 -21.00 -1.70
C LYS A 202 -1.55 -22.50 -1.78
N GLY A 203 -0.93 -23.24 -2.68
CA GLY A 203 -1.27 -24.65 -2.77
C GLY A 203 -0.61 -25.58 -1.75
N ASN A 204 0.64 -25.29 -1.34
CA ASN A 204 1.44 -26.20 -0.51
C ASN A 204 1.27 -27.50 -1.19
N PRO A 205 1.47 -27.51 -2.50
CA PRO A 205 0.86 -28.59 -3.27
C PRO A 205 1.36 -29.98 -2.88
N PRO A 206 0.43 -30.97 -2.84
CA PRO A 206 0.80 -32.27 -2.28
C PRO A 206 1.64 -33.11 -3.24
N ARG A 207 2.47 -33.94 -2.61
CA ARG A 207 3.46 -34.80 -3.27
C ARG A 207 4.05 -34.03 -4.43
N LEU A 208 4.24 -32.74 -4.18
CA LEU A 208 4.59 -31.79 -5.22
C LEU A 208 5.82 -32.28 -6.00
N GLN A 209 6.95 -32.36 -5.29
CA GLN A 209 8.19 -32.72 -5.93
C GLN A 209 8.06 -34.02 -6.73
N SER A 210 7.71 -35.10 -6.05
CA SER A 210 7.63 -36.39 -6.76
C SER A 210 6.59 -36.48 -7.86
N ASN A 211 5.62 -35.59 -7.81
CA ASN A 211 4.71 -35.51 -8.91
C ASN A 211 5.48 -34.98 -10.09
N ILE A 212 6.11 -33.81 -9.91
CA ILE A 212 6.86 -33.18 -11.00
C ILE A 212 7.83 -34.11 -11.64
N GLN A 213 8.62 -34.76 -10.80
CA GLN A 213 9.64 -35.61 -11.35
C GLN A 213 8.99 -36.83 -12.00
N TYR A 214 7.93 -37.40 -11.41
CA TYR A 214 7.18 -38.47 -12.12
C TYR A 214 6.87 -38.01 -13.55
N ILE A 215 6.49 -36.74 -13.73
CA ILE A 215 6.21 -36.25 -15.09
C ILE A 215 7.48 -36.16 -15.96
N THR A 216 8.50 -35.47 -15.44
CA THR A 216 9.72 -35.21 -16.19
C THR A 216 10.28 -36.52 -16.72
N ARG A 217 10.34 -37.51 -15.84
CA ARG A 217 10.89 -38.83 -16.15
C ARG A 217 9.88 -39.65 -16.98
N PHE A 218 8.61 -39.58 -16.60
CA PHE A 218 7.57 -40.34 -17.30
C PHE A 218 6.50 -39.45 -17.98
N CYS A 219 6.61 -39.29 -19.29
CA CYS A 219 5.59 -38.69 -20.16
C CYS A 219 6.15 -38.62 -21.56
N ASN A 220 5.31 -38.54 -22.58
CA ASN A 220 5.86 -38.33 -23.92
C ASN A 220 6.38 -36.93 -24.11
N PRO A 221 7.70 -36.81 -24.38
CA PRO A 221 8.42 -35.54 -24.47
C PRO A 221 7.91 -34.59 -25.56
N SER A 222 7.28 -35.11 -26.61
CA SER A 222 6.79 -34.23 -27.67
C SER A 222 5.55 -33.45 -27.24
N ARG A 223 4.63 -34.13 -26.58
CA ARG A 223 3.45 -33.48 -26.02
C ARG A 223 3.94 -32.48 -24.99
N LEU A 224 5.15 -32.70 -24.49
CA LEU A 224 5.83 -31.78 -23.57
C LEU A 224 6.57 -30.60 -24.20
N MET A 225 7.09 -30.80 -25.40
CA MET A 225 7.80 -29.76 -26.12
C MET A 225 6.85 -28.92 -26.97
N THR A 226 6.06 -29.59 -27.83
CA THR A 226 5.10 -28.91 -28.71
C THR A 226 3.78 -28.53 -28.00
N GLY A 227 3.24 -29.43 -27.18
CA GLY A 227 1.91 -29.23 -26.62
C GLY A 227 1.77 -27.98 -25.78
N GLU A 228 0.51 -27.57 -25.57
CA GLU A 228 0.23 -26.43 -24.70
C GLU A 228 0.91 -26.61 -23.35
N ASP A 229 0.84 -27.84 -22.85
CA ASP A 229 1.38 -28.23 -21.55
C ASP A 229 2.85 -27.84 -21.29
N GLY A 230 3.67 -27.81 -22.33
CA GLY A 230 5.08 -27.51 -22.16
C GLY A 230 5.42 -26.22 -21.43
N TYR A 231 4.74 -25.14 -21.78
CA TYR A 231 5.08 -23.79 -21.33
C TYR A 231 4.69 -23.62 -19.89
N TYR A 232 3.51 -24.14 -19.56
CA TYR A 232 2.99 -24.21 -18.19
C TYR A 232 3.90 -25.01 -17.26
N PHE A 233 4.12 -26.29 -17.55
CA PHE A 233 4.97 -27.08 -16.68
C PHE A 233 6.31 -26.37 -16.53
N THR A 234 6.82 -25.80 -17.61
CA THR A 234 8.12 -25.14 -17.56
C THR A 234 8.19 -23.97 -16.62
N ASN A 235 7.39 -22.96 -16.92
CA ASN A 235 7.40 -21.79 -16.09
C ASN A 235 7.04 -22.22 -14.67
N LEU A 236 6.34 -23.33 -14.55
CA LEU A 236 5.99 -23.87 -13.25
C LEU A 236 7.27 -24.23 -12.50
N CYS A 237 8.07 -25.15 -13.07
CA CYS A 237 9.19 -25.64 -12.30
C CYS A 237 10.09 -24.49 -12.02
N CYS A 238 10.15 -23.55 -12.95
CA CYS A 238 10.94 -22.36 -12.74
C CYS A 238 10.48 -21.67 -11.49
N ALA A 239 9.18 -21.40 -11.43
CA ALA A 239 8.62 -20.66 -10.32
C ALA A 239 9.03 -21.32 -9.05
N VAL A 240 9.02 -22.62 -9.11
CA VAL A 240 9.26 -23.43 -7.95
C VAL A 240 10.71 -23.36 -7.46
N ALA A 241 11.61 -23.94 -8.24
CA ALA A 241 12.99 -23.97 -7.84
C ALA A 241 13.47 -22.54 -7.56
N PHE A 242 12.82 -21.52 -8.14
CA PHE A 242 13.07 -20.14 -7.72
C PHE A 242 12.62 -19.99 -6.30
N ILE A 243 11.45 -20.52 -5.97
CA ILE A 243 10.93 -20.30 -4.63
C ILE A 243 11.87 -20.83 -3.57
N GLU A 244 12.45 -22.00 -3.80
CA GLU A 244 13.45 -22.45 -2.82
C GLU A 244 14.61 -21.43 -2.64
N LYS A 245 15.13 -20.91 -3.75
CA LYS A 245 16.23 -19.94 -3.75
C LYS A 245 15.74 -18.49 -3.89
N LEU A 246 15.54 -17.84 -2.75
CA LEU A 246 14.76 -16.61 -2.65
C LEU A 246 15.49 -15.35 -2.13
N ASP A 247 15.22 -14.17 -2.73
CA ASP A 247 15.98 -12.95 -2.39
C ASP A 247 15.11 -11.83 -1.88
N ALA A 248 15.57 -11.25 -0.77
CA ALA A 248 14.95 -10.10 -0.17
C ALA A 248 14.96 -9.03 -1.22
N GLN A 249 16.14 -8.85 -1.83
CA GLN A 249 16.38 -7.85 -2.88
C GLN A 249 15.71 -8.24 -4.21
N SER A 250 15.33 -9.51 -4.37
CA SER A 250 14.42 -9.90 -5.45
C SER A 250 12.94 -9.71 -5.05
N LEU A 251 12.67 -9.55 -3.76
CA LEU A 251 11.34 -9.14 -3.26
C LEU A 251 11.26 -7.61 -3.15
N ASN A 252 12.39 -6.95 -3.36
CA ASN A 252 12.59 -5.54 -3.03
C ASN A 252 12.39 -5.32 -1.54
N LEU A 253 13.04 -6.19 -0.78
CA LEU A 253 13.03 -6.13 0.68
C LEU A 253 14.45 -6.14 1.25
N SER A 254 14.63 -5.45 2.36
CA SER A 254 15.92 -5.35 3.02
C SER A 254 16.19 -6.69 3.67
N GLN A 255 17.42 -6.90 4.14
CA GLN A 255 17.75 -8.18 4.79
C GLN A 255 17.00 -8.27 6.12
N GLU A 256 16.59 -7.09 6.58
CA GLU A 256 15.87 -6.89 7.82
C GLU A 256 14.50 -7.57 7.87
N ASP A 257 13.64 -7.33 6.89
CA ASP A 257 12.32 -7.99 6.87
C ASP A 257 12.44 -9.47 6.53
N PHE A 258 13.31 -9.73 5.55
CA PHE A 258 13.61 -11.05 4.97
C PHE A 258 13.93 -12.06 6.07
N ASP A 259 14.92 -11.72 6.90
CA ASP A 259 15.16 -12.50 8.10
C ASP A 259 14.00 -12.38 9.08
N ARG A 260 13.48 -11.16 9.29
CA ARG A 260 12.49 -10.89 10.34
C ARG A 260 11.22 -11.73 10.41
N TYR A 261 10.55 -11.96 9.29
CA TYR A 261 9.27 -12.68 9.40
C TYR A 261 9.43 -14.15 9.75
N MET A 262 10.61 -14.69 9.44
CA MET A 262 10.94 -16.05 9.84
C MET A 262 11.84 -16.24 11.07
N SER A 263 12.51 -15.17 11.51
CA SER A 263 13.54 -15.26 12.55
C SER A 263 13.11 -15.37 14.01
N GLY A 264 12.11 -14.58 14.41
CA GLY A 264 11.63 -14.60 15.78
C GLY A 264 10.26 -15.23 15.90
N GLN A 265 9.72 -15.64 14.76
CA GLN A 265 8.41 -16.27 14.68
C GLN A 265 8.56 -17.77 14.48
N THR A 266 7.49 -18.41 14.01
CA THR A 266 7.43 -19.88 13.89
C THR A 266 7.52 -20.64 15.19
N SER A 267 7.71 -19.95 16.29
CA SER A 267 7.36 -20.55 17.56
C SER A 267 5.87 -20.75 17.44
N PRO A 268 5.44 -21.96 17.76
CA PRO A 268 4.08 -22.44 17.50
C PRO A 268 3.10 -21.93 18.53
N ARG A 269 1.85 -21.71 18.13
CA ARG A 269 0.77 -21.31 19.04
C ARG A 269 0.97 -20.01 19.83
N LYS A 270 2.13 -19.42 19.71
CA LYS A 270 2.47 -18.23 20.50
C LYS A 270 1.71 -17.01 19.96
N GLN A 271 1.54 -17.07 18.66
CA GLN A 271 0.94 -16.01 17.90
C GLN A 271 -0.50 -15.73 18.38
N MET A 272 -1.26 -16.80 18.57
CA MET A 272 -2.60 -16.65 19.12
C MET A 272 -2.47 -16.16 20.55
N TYR A 273 -1.45 -16.60 21.28
CA TYR A 273 -1.31 -16.05 22.60
C TYR A 273 -1.13 -14.52 22.63
N LYS A 274 -0.21 -14.05 21.82
CA LYS A 274 0.12 -12.65 21.68
C LYS A 274 -1.10 -11.83 21.26
N ASN A 275 -1.78 -12.37 20.26
CA ASN A 275 -3.00 -11.84 19.71
C ASN A 275 -4.01 -11.79 20.91
N LEU A 276 -4.03 -12.83 21.76
CA LEU A 276 -4.97 -12.93 22.89
C LEU A 276 -4.77 -11.90 24.02
N ASP A 277 -3.52 -11.59 24.25
CA ASP A 277 -3.16 -10.50 25.14
C ASP A 277 -3.64 -9.15 24.63
N LEU A 278 -3.20 -8.90 23.39
CA LEU A 278 -3.39 -7.63 22.68
C LEU A 278 -4.86 -7.32 22.79
N LEU A 279 -5.65 -8.26 22.26
CA LEU A 279 -7.09 -8.20 22.18
C LEU A 279 -7.65 -7.77 23.54
N SER A 280 -7.17 -8.34 24.64
CA SER A 280 -7.74 -7.72 25.82
C SER A 280 -7.26 -6.26 26.06
N GLN A 281 -6.09 -5.92 25.56
CA GLN A 281 -5.62 -4.54 25.73
C GLN A 281 -6.39 -3.45 24.99
N LEU A 282 -6.78 -3.81 23.81
CA LEU A 282 -7.49 -2.87 23.02
C LEU A 282 -8.86 -2.71 23.57
N ASN A 283 -9.55 -3.82 23.78
CA ASN A 283 -10.93 -3.68 24.25
C ASN A 283 -10.94 -2.90 25.56
N GLU A 284 -9.90 -3.10 26.34
CA GLU A 284 -9.88 -2.25 27.47
C GLU A 284 -9.79 -0.74 27.03
N ARG A 285 -8.99 -0.41 26.00
CA ARG A 285 -8.84 1.01 25.57
C ARG A 285 -10.14 1.65 25.06
N GLN A 286 -10.88 0.96 24.19
CA GLN A 286 -12.13 1.51 23.61
C GLN A 286 -13.20 1.65 24.69
N GLU A 287 -13.11 0.80 25.71
CA GLU A 287 -13.97 1.10 26.83
C GLU A 287 -13.49 2.42 27.46
N ARG A 288 -12.18 2.65 27.43
CA ARG A 288 -11.67 3.89 28.01
C ARG A 288 -12.04 5.13 27.23
N ILE A 289 -11.73 5.14 25.95
CA ILE A 289 -12.01 6.32 25.17
C ILE A 289 -13.50 6.60 25.32
N MET A 290 -14.34 5.58 25.11
CA MET A 290 -15.78 5.82 25.07
C MET A 290 -16.23 6.51 26.32
N ASN A 291 -15.78 5.99 27.47
CA ASN A 291 -16.31 6.48 28.73
C ASN A 291 -15.77 7.91 29.01
N GLU A 292 -14.61 8.24 28.42
CA GLU A 292 -14.10 9.62 28.48
C GLU A 292 -14.91 10.60 27.60
N ALA A 293 -15.31 10.14 26.42
CA ALA A 293 -16.14 10.98 25.58
C ALA A 293 -17.46 11.12 26.24
N LYS A 294 -17.86 10.15 27.03
CA LYS A 294 -19.04 10.37 27.83
C LYS A 294 -18.74 11.42 28.88
N LYS A 295 -17.49 11.48 29.35
CA LYS A 295 -17.20 12.53 30.32
C LYS A 295 -17.47 13.87 29.68
N LEU A 296 -17.12 14.09 28.41
CA LEU A 296 -17.50 15.38 27.82
C LEU A 296 -18.88 15.41 27.15
N GLU A 297 -19.52 14.26 27.03
CA GLU A 297 -20.92 14.21 26.67
C GLU A 297 -21.47 15.15 27.70
N LYS A 298 -21.25 14.85 28.97
CA LYS A 298 -21.77 15.75 30.00
C LYS A 298 -20.97 17.04 30.23
N ASP A 299 -19.68 16.89 30.54
CA ASP A 299 -18.78 18.01 30.84
C ASP A 299 -18.81 19.07 29.76
N LEU A 300 -19.27 18.72 28.55
CA LEU A 300 -19.38 19.72 27.50
C LEU A 300 -20.63 20.59 27.61
N ILE A 301 -21.82 20.00 27.55
CA ILE A 301 -23.04 20.81 27.47
C ILE A 301 -23.15 21.85 28.56
N ASP A 302 -22.73 21.51 29.77
CA ASP A 302 -22.83 22.41 30.93
C ASP A 302 -22.10 23.74 30.73
N TRP A 303 -21.18 23.76 29.78
CA TRP A 303 -20.53 25.00 29.30
C TRP A 303 -21.48 25.76 28.43
N THR A 304 -21.97 25.12 27.38
CA THR A 304 -22.91 25.73 26.48
C THR A 304 -24.16 26.29 27.16
N ASP A 305 -24.98 25.42 27.70
CA ASP A 305 -26.12 25.88 28.45
C ASP A 305 -25.65 26.65 29.67
N GLY A 306 -24.46 26.38 30.20
CA GLY A 306 -24.02 27.13 31.36
C GLY A 306 -23.68 28.59 31.08
N ILE A 307 -23.04 28.81 29.94
CA ILE A 307 -22.72 30.14 29.43
C ILE A 307 -24.03 30.70 28.92
N ALA A 308 -25.02 29.84 28.75
CA ALA A 308 -26.30 30.33 28.30
C ALA A 308 -27.13 30.90 29.48
N ARG A 309 -27.47 30.02 30.40
CA ARG A 309 -28.31 30.32 31.55
C ARG A 309 -27.62 31.19 32.61
N GLU A 310 -26.41 30.80 33.04
CA GLU A 310 -25.74 31.53 34.13
C GLU A 310 -25.49 32.96 33.69
N VAL A 311 -25.33 33.15 32.39
CA VAL A 311 -25.24 34.49 31.81
C VAL A 311 -26.57 35.17 31.38
N GLN A 312 -27.62 34.37 31.18
CA GLN A 312 -28.90 34.86 30.66
C GLN A 312 -29.55 35.88 31.59
N ASP A 313 -29.03 35.96 32.80
CA ASP A 313 -29.55 36.81 33.85
C ASP A 313 -29.78 38.26 33.49
N ILE A 314 -28.72 38.97 33.15
CA ILE A 314 -28.87 40.41 33.03
C ILE A 314 -28.51 40.99 31.66
N GLN B 7 8.37 -28.68 -36.02
CA GLN B 7 8.01 -27.50 -35.24
C GLN B 7 9.25 -26.66 -35.09
N PHE B 8 9.16 -25.70 -34.20
CA PHE B 8 10.16 -24.68 -34.22
C PHE B 8 9.98 -23.94 -32.89
N LYS B 9 11.08 -23.78 -32.16
CA LYS B 9 10.94 -23.23 -30.83
C LYS B 9 11.56 -21.83 -30.80
N LEU B 10 10.82 -20.85 -30.29
CA LEU B 10 11.39 -19.54 -30.02
C LEU B 10 11.06 -19.05 -28.59
N VAL B 11 11.88 -18.15 -28.02
CA VAL B 11 11.63 -17.57 -26.71
C VAL B 11 11.48 -16.05 -26.80
N LEU B 12 10.71 -15.48 -25.88
CA LEU B 12 10.56 -14.03 -25.80
C LEU B 12 11.00 -13.47 -24.46
N LEU B 13 12.04 -12.65 -24.49
CA LEU B 13 12.55 -12.00 -23.30
C LEU B 13 12.41 -10.46 -23.38
N GLY B 14 12.28 -9.80 -22.24
CA GLY B 14 12.37 -8.34 -22.22
C GLY B 14 12.32 -7.71 -20.84
N GLU B 15 12.47 -6.38 -20.82
CA GLU B 15 12.18 -5.60 -19.62
C GLU B 15 10.65 -5.42 -19.55
N SER B 16 10.09 -5.13 -18.37
CA SER B 16 8.63 -5.20 -18.20
C SER B 16 7.83 -4.02 -18.73
N ALA B 17 6.54 -4.27 -18.97
CA ALA B 17 5.60 -3.25 -19.45
C ALA B 17 6.09 -2.44 -20.63
N VAL B 18 7.25 -2.83 -21.18
CA VAL B 18 7.84 -2.16 -22.32
C VAL B 18 7.01 -2.46 -23.55
N GLY B 19 5.96 -3.24 -23.36
CA GLY B 19 5.20 -3.74 -24.48
C GLY B 19 5.70 -5.15 -24.74
N LYS B 20 6.46 -5.69 -23.78
CA LYS B 20 6.78 -7.11 -23.73
C LYS B 20 5.43 -7.81 -23.88
N SER B 21 4.48 -7.33 -23.09
CA SER B 21 3.07 -7.63 -23.25
C SER B 21 2.60 -7.37 -24.69
N SER B 22 2.38 -6.10 -25.00
CA SER B 22 1.62 -5.61 -26.17
C SER B 22 1.85 -6.21 -27.59
N LEU B 23 3.10 -6.17 -28.04
CA LEU B 23 3.43 -6.34 -29.46
C LEU B 23 2.99 -7.66 -30.09
N VAL B 24 3.10 -8.70 -29.30
CA VAL B 24 2.66 -10.01 -29.71
C VAL B 24 1.14 -10.02 -29.70
N LEU B 25 0.56 -9.41 -28.67
CA LEU B 25 -0.89 -9.41 -28.45
C LEU B 25 -1.61 -8.94 -29.72
N ARG B 26 -1.13 -7.84 -30.29
CA ARG B 26 -1.75 -7.38 -31.54
C ARG B 26 -1.49 -8.34 -32.70
N PHE B 27 -0.35 -9.05 -32.64
CA PHE B 27 -0.01 -10.09 -33.61
C PHE B 27 -0.97 -11.29 -33.50
N SER B 38 -10.31 -10.71 -29.13
CA SER B 38 -10.15 -10.52 -27.68
C SER B 38 -10.94 -11.51 -26.83
N THR B 39 -10.41 -12.74 -26.72
CA THR B 39 -11.06 -13.87 -26.01
C THR B 39 -10.37 -14.44 -24.73
N ILE B 40 -9.09 -14.83 -24.81
CA ILE B 40 -8.35 -15.44 -23.67
C ILE B 40 -7.36 -14.45 -23.01
N GLY B 41 -6.36 -14.97 -22.29
CA GLY B 41 -5.22 -14.19 -21.83
C GLY B 41 -3.98 -14.56 -22.65
N ALA B 42 -2.89 -13.81 -22.45
CA ALA B 42 -1.73 -13.80 -23.38
C ALA B 42 -0.69 -14.89 -23.23
N ALA B 43 -0.95 -16.03 -23.83
CA ALA B 43 -0.07 -17.18 -23.66
C ALA B 43 1.10 -17.20 -24.65
N PHE B 44 1.72 -18.37 -24.75
CA PHE B 44 2.68 -18.69 -25.80
C PHE B 44 1.82 -18.88 -27.03
N LEU B 45 2.39 -18.72 -28.20
CA LEU B 45 1.55 -18.44 -29.35
C LEU B 45 1.22 -19.64 -30.25
N THR B 46 2.23 -20.41 -30.64
CA THR B 46 2.04 -21.50 -31.60
C THR B 46 1.34 -21.04 -32.88
N GLN B 47 1.98 -20.11 -33.59
CA GLN B 47 1.48 -19.55 -34.84
C GLN B 47 2.09 -20.24 -36.08
N THR B 48 1.24 -20.52 -37.08
CA THR B 48 1.64 -21.23 -38.29
C THR B 48 1.81 -20.25 -39.47
N VAL B 49 3.01 -20.12 -40.02
CA VAL B 49 3.26 -19.33 -41.23
C VAL B 49 4.09 -20.09 -42.30
N CYS B 50 3.76 -19.85 -43.57
CA CYS B 50 4.50 -20.47 -44.66
C CYS B 50 4.80 -19.49 -45.79
N LEU B 51 6.10 -19.38 -46.09
CA LEU B 51 6.61 -18.60 -47.22
C LEU B 51 6.79 -19.54 -48.41
N ASP B 52 6.62 -20.83 -48.12
CA ASP B 52 6.73 -21.89 -49.12
C ASP B 52 5.56 -22.87 -48.99
N ASP B 53 5.45 -23.80 -49.95
CA ASP B 53 4.47 -24.87 -49.85
C ASP B 53 4.64 -25.70 -48.57
N THR B 54 5.89 -25.89 -48.14
CA THR B 54 6.22 -26.56 -46.89
C THR B 54 5.92 -25.60 -45.78
N THR B 55 5.51 -26.15 -44.65
CA THR B 55 5.04 -25.32 -43.55
C THR B 55 5.93 -25.40 -42.33
N VAL B 56 6.29 -24.21 -41.86
CA VAL B 56 6.98 -24.03 -40.59
C VAL B 56 6.03 -23.36 -39.57
N LYS B 57 5.93 -23.93 -38.36
CA LYS B 57 5.09 -23.45 -37.26
C LYS B 57 5.98 -22.91 -36.13
N PHE B 58 5.47 -22.04 -35.25
CA PHE B 58 6.33 -21.48 -34.21
C PHE B 58 5.97 -21.85 -32.74
N GLU B 59 6.97 -21.83 -31.87
CA GLU B 59 6.72 -21.88 -30.41
C GLU B 59 7.44 -20.71 -29.73
N ILE B 60 6.80 -20.17 -28.70
CA ILE B 60 7.06 -18.80 -28.23
C ILE B 60 6.96 -18.72 -26.72
N TRP B 61 8.03 -18.40 -26.00
CA TRP B 61 7.91 -18.36 -24.54
C TRP B 61 7.80 -16.94 -23.98
N ASP B 62 6.66 -16.65 -23.35
CA ASP B 62 6.44 -15.37 -22.70
C ASP B 62 7.22 -15.40 -21.41
N THR B 63 8.13 -14.44 -21.22
CA THR B 63 9.01 -14.41 -20.05
C THR B 63 9.00 -13.11 -19.24
N ALA B 64 9.45 -13.27 -17.99
CA ALA B 64 9.48 -12.20 -16.99
C ALA B 64 10.09 -10.92 -17.51
N GLY B 65 9.24 -9.91 -17.62
CA GLY B 65 9.71 -8.55 -17.79
C GLY B 65 10.10 -8.03 -16.43
N GLN B 66 9.35 -8.45 -15.40
CA GLN B 66 9.71 -8.15 -14.02
C GLN B 66 11.19 -8.55 -13.83
N GLU B 67 11.96 -7.68 -13.14
CA GLU B 67 13.43 -7.72 -13.15
C GLU B 67 14.11 -8.72 -12.19
N ARG B 68 13.40 -9.07 -11.12
CA ARG B 68 13.93 -9.96 -10.09
C ARG B 68 13.85 -11.42 -10.53
N TYR B 69 12.83 -11.74 -11.33
CA TYR B 69 12.64 -13.08 -11.91
C TYR B 69 13.34 -13.12 -13.25
N HIS B 70 14.15 -12.10 -13.53
CA HIS B 70 15.01 -12.11 -14.71
C HIS B 70 16.12 -13.14 -14.54
N SER B 71 16.00 -14.00 -13.52
CA SER B 71 17.11 -14.84 -13.07
C SER B 71 17.09 -16.29 -13.55
N LEU B 72 15.93 -16.75 -14.02
CA LEU B 72 15.67 -18.18 -14.20
C LEU B 72 15.61 -18.63 -15.66
N ALA B 73 15.80 -17.69 -16.58
CA ALA B 73 15.66 -17.92 -18.02
C ALA B 73 16.22 -19.20 -18.64
N PRO B 74 17.39 -19.70 -18.15
CA PRO B 74 17.97 -20.96 -18.64
C PRO B 74 17.04 -22.05 -19.20
N MET B 75 15.98 -22.40 -18.50
CA MET B 75 15.16 -23.53 -18.95
C MET B 75 13.98 -23.17 -19.84
N TYR B 76 13.49 -21.95 -19.69
CA TYR B 76 12.60 -21.34 -20.68
C TYR B 76 13.17 -21.51 -22.09
N TYR B 77 14.42 -21.11 -22.26
CA TYR B 77 15.02 -21.11 -23.58
C TYR B 77 15.73 -22.42 -23.97
N ARG B 78 15.82 -23.37 -23.06
CA ARG B 78 16.81 -24.44 -23.21
C ARG B 78 16.80 -25.24 -24.53
N GLY B 79 15.69 -25.90 -24.81
CA GLY B 79 15.58 -26.73 -26.00
C GLY B 79 15.14 -25.92 -27.19
N ALA B 80 14.66 -24.71 -26.89
CA ALA B 80 14.17 -23.79 -27.92
C ALA B 80 15.13 -23.58 -29.10
N GLN B 81 14.59 -23.21 -30.27
CA GLN B 81 15.37 -23.04 -31.52
C GLN B 81 15.53 -21.59 -32.05
N ALA B 82 14.89 -20.61 -31.38
CA ALA B 82 14.94 -19.18 -31.76
C ALA B 82 14.67 -18.24 -30.59
N ALA B 83 14.78 -16.92 -30.81
CA ALA B 83 14.75 -15.99 -29.68
C ALA B 83 14.49 -14.52 -30.02
N ILE B 84 14.08 -13.76 -29.00
CA ILE B 84 13.79 -12.34 -29.12
C ILE B 84 14.10 -11.53 -27.82
N VAL B 85 14.73 -10.37 -27.97
CA VAL B 85 15.00 -9.44 -26.84
C VAL B 85 14.35 -8.06 -27.04
N VAL B 86 13.49 -7.64 -26.11
CA VAL B 86 12.81 -6.34 -26.29
C VAL B 86 13.40 -5.17 -25.49
N TYR B 87 13.57 -4.06 -26.20
CA TYR B 87 14.01 -2.82 -25.60
C TYR B 87 13.08 -1.70 -26.06
N ASP B 88 12.77 -0.79 -25.14
CA ASP B 88 11.95 0.37 -25.45
C ASP B 88 12.88 1.50 -25.93
N ILE B 89 12.37 2.35 -26.84
CA ILE B 89 13.17 3.45 -27.37
C ILE B 89 13.08 4.71 -26.51
N THR B 90 12.01 4.82 -25.72
CA THR B 90 11.81 5.95 -24.83
C THR B 90 12.34 5.65 -23.43
N ASN B 91 13.02 4.52 -23.31
CA ASN B 91 13.71 4.11 -22.08
C ASN B 91 15.02 3.45 -22.44
N GLU B 92 16.07 4.25 -22.51
CA GLU B 92 17.38 3.74 -22.88
C GLU B 92 17.77 2.57 -21.96
N GLU B 93 17.21 2.56 -20.75
CA GLU B 93 17.42 1.47 -19.80
C GLU B 93 16.97 0.12 -20.34
N SER B 94 15.83 0.09 -21.02
CA SER B 94 15.37 -1.15 -21.60
C SER B 94 16.32 -1.60 -22.71
N PHE B 95 16.99 -0.63 -23.32
CA PHE B 95 17.99 -0.91 -24.37
C PHE B 95 19.26 -1.51 -23.79
N ALA B 96 19.68 -1.01 -22.62
CA ALA B 96 20.85 -1.56 -21.96
C ALA B 96 20.57 -2.96 -21.44
N ARG B 97 19.38 -3.10 -20.84
CA ARG B 97 18.85 -4.41 -20.46
C ARG B 97 18.99 -5.30 -21.67
N ALA B 98 18.55 -4.78 -22.82
CA ALA B 98 18.67 -5.50 -24.08
C ALA B 98 20.10 -5.98 -24.39
N LYS B 99 21.09 -5.08 -24.31
CA LYS B 99 22.49 -5.42 -24.58
C LYS B 99 23.04 -6.55 -23.68
N ASN B 100 22.81 -6.42 -22.37
CA ASN B 100 23.19 -7.49 -21.43
C ASN B 100 22.51 -8.81 -21.79
N TRP B 101 21.22 -8.74 -22.13
CA TRP B 101 20.46 -9.90 -22.57
C TRP B 101 21.16 -10.55 -23.77
N VAL B 102 21.72 -9.72 -24.64
CA VAL B 102 22.43 -10.24 -25.80
C VAL B 102 23.70 -10.98 -25.40
N LYS B 103 24.53 -10.36 -24.56
CA LYS B 103 25.80 -11.00 -24.16
C LYS B 103 25.58 -12.35 -23.46
N GLU B 104 24.63 -12.33 -22.52
CA GLU B 104 24.16 -13.56 -21.89
C GLU B 104 23.71 -14.56 -22.97
N LEU B 105 22.96 -14.08 -23.96
CA LEU B 105 22.44 -14.92 -25.04
C LEU B 105 23.53 -15.69 -25.79
N GLN B 106 24.40 -14.95 -26.46
CA GLN B 106 25.48 -15.54 -27.25
C GLN B 106 26.31 -16.49 -26.39
N ARG B 107 26.52 -16.14 -25.13
CA ARG B 107 27.35 -16.99 -24.28
C ARG B 107 26.66 -18.29 -23.78
N GLN B 108 25.65 -18.18 -22.94
CA GLN B 108 25.10 -19.35 -22.24
C GLN B 108 23.79 -19.94 -22.79
N ALA B 109 23.16 -19.24 -23.72
CA ALA B 109 22.09 -19.87 -24.47
C ALA B 109 22.79 -20.70 -25.52
N SER B 110 22.22 -21.85 -25.85
CA SER B 110 22.72 -22.72 -26.91
C SER B 110 23.14 -21.87 -28.10
N PRO B 111 24.45 -21.76 -28.35
CA PRO B 111 24.90 -20.90 -29.47
C PRO B 111 24.25 -21.20 -30.83
N ASN B 112 23.44 -22.25 -30.93
CA ASN B 112 22.74 -22.64 -32.18
C ASN B 112 21.65 -21.65 -32.54
N ILE B 113 21.34 -20.77 -31.59
CA ILE B 113 20.19 -19.86 -31.66
C ILE B 113 20.36 -18.75 -32.71
N VAL B 114 19.24 -18.20 -33.19
CA VAL B 114 19.25 -17.10 -34.14
C VAL B 114 18.64 -15.86 -33.47
N ILE B 115 19.12 -14.66 -33.80
CA ILE B 115 18.81 -13.45 -33.03
C ILE B 115 18.12 -12.31 -33.81
N ALA B 116 17.26 -11.54 -33.13
CA ALA B 116 16.65 -10.33 -33.72
C ALA B 116 16.15 -9.33 -32.66
N LEU B 117 16.54 -8.06 -32.79
CA LEU B 117 16.21 -7.02 -31.81
C LEU B 117 15.57 -5.78 -32.43
N SER B 118 14.59 -5.21 -31.74
CA SER B 118 13.99 -3.97 -32.21
C SER B 118 13.55 -3.03 -31.09
N GLY B 119 13.56 -1.74 -31.40
CA GLY B 119 12.96 -0.75 -30.53
C GLY B 119 11.49 -0.61 -30.87
N ASN B 120 10.67 -0.42 -29.84
CA ASN B 120 9.21 -0.38 -30.00
C ASN B 120 8.64 0.88 -29.38
N LYS B 121 7.31 0.91 -29.24
CA LYS B 121 6.55 2.11 -28.94
C LYS B 121 6.96 3.18 -29.96
N ALA B 122 6.90 2.79 -31.24
CA ALA B 122 7.26 3.66 -32.35
C ALA B 122 6.11 4.58 -32.72
N ASP B 123 5.10 4.63 -31.85
CA ASP B 123 3.93 5.47 -32.07
C ASP B 123 4.09 6.88 -31.49
N LEU B 124 4.81 6.98 -30.39
CA LEU B 124 4.97 8.25 -29.68
C LEU B 124 6.38 8.83 -29.85
N ALA B 125 7.03 8.51 -30.97
CA ALA B 125 8.44 8.83 -31.19
C ALA B 125 8.85 10.30 -31.07
N ASN B 126 7.90 11.20 -30.83
CA ASN B 126 8.22 12.56 -30.40
C ASN B 126 8.87 12.47 -29.02
N LYS B 127 8.74 11.31 -28.38
CA LYS B 127 9.29 11.01 -27.07
C LYS B 127 10.55 10.12 -27.13
N ARG B 128 11.00 9.79 -28.35
CA ARG B 128 12.12 8.86 -28.60
C ARG B 128 13.45 9.23 -27.94
N ALA B 129 14.04 8.28 -27.21
CA ALA B 129 15.29 8.50 -26.50
C ALA B 129 16.41 7.60 -27.03
N VAL B 130 16.04 6.61 -27.83
CA VAL B 130 17.03 5.68 -28.38
C VAL B 130 17.24 5.87 -29.89
N ASP B 131 18.48 6.17 -30.24
CA ASP B 131 18.86 6.54 -31.60
C ASP B 131 18.83 5.37 -32.58
N PHE B 132 18.20 5.58 -33.73
CA PHE B 132 18.07 4.57 -34.76
C PHE B 132 19.42 4.07 -35.26
N GLN B 133 20.26 5.01 -35.69
CA GLN B 133 21.56 4.68 -36.28
C GLN B 133 22.51 4.04 -35.25
N GLU B 134 22.34 4.39 -33.97
CA GLU B 134 23.16 3.83 -32.88
C GLU B 134 22.80 2.38 -32.60
N ALA B 135 21.51 2.11 -32.50
CA ALA B 135 21.02 0.77 -32.21
C ALA B 135 21.23 -0.14 -33.41
N GLN B 136 21.07 0.39 -34.60
CA GLN B 136 21.40 -0.38 -35.79
C GLN B 136 22.92 -0.59 -35.87
N SER B 137 23.67 0.35 -35.30
CA SER B 137 25.12 0.21 -35.25
C SER B 137 25.54 -0.96 -34.36
N TYR B 138 25.02 -0.97 -33.13
CA TYR B 138 25.30 -2.04 -32.20
C TYR B 138 24.77 -3.37 -32.73
N ALA B 139 23.67 -3.31 -33.49
CA ALA B 139 23.08 -4.50 -34.07
C ALA B 139 23.99 -5.08 -35.14
N ASP B 140 24.27 -4.28 -36.15
CA ASP B 140 25.04 -4.76 -37.29
C ASP B 140 26.53 -4.92 -36.95
N ASP B 141 26.93 -4.48 -35.76
CA ASP B 141 28.27 -4.76 -35.26
C ASP B 141 28.39 -6.23 -34.85
N ASN B 142 27.33 -6.77 -34.26
CA ASN B 142 27.30 -8.19 -33.89
C ASN B 142 26.46 -9.00 -34.88
N SER B 143 26.32 -8.47 -36.09
CA SER B 143 25.56 -9.11 -37.18
C SER B 143 24.12 -9.45 -36.78
N LEU B 144 23.38 -8.45 -36.33
CA LEU B 144 22.01 -8.66 -35.89
C LEU B 144 20.99 -8.20 -36.94
N LEU B 145 19.79 -8.81 -36.91
CA LEU B 145 18.66 -8.36 -37.72
C LEU B 145 18.12 -7.08 -37.11
N PHE B 146 18.21 -5.97 -37.84
CA PHE B 146 17.73 -4.73 -37.28
C PHE B 146 16.90 -3.89 -38.24
N MET B 147 15.59 -3.90 -37.99
CA MET B 147 14.66 -2.92 -38.53
C MET B 147 13.60 -2.72 -37.44
N GLU B 148 13.60 -1.55 -36.80
CA GLU B 148 12.74 -1.27 -35.65
C GLU B 148 11.23 -1.36 -35.95
N THR B 149 10.43 -1.66 -34.93
CA THR B 149 9.00 -1.96 -35.14
C THR B 149 8.03 -1.25 -34.22
N SER B 150 6.77 -1.26 -34.64
CA SER B 150 5.68 -0.66 -33.89
C SER B 150 4.57 -1.70 -33.79
N ALA B 151 3.80 -1.66 -32.71
CA ALA B 151 2.73 -2.62 -32.48
C ALA B 151 1.37 -1.96 -32.77
N LYS B 152 1.36 -0.65 -32.60
CA LYS B 152 0.15 0.14 -32.72
C LYS B 152 -0.22 0.36 -34.20
N THR B 153 0.77 0.73 -35.02
CA THR B 153 0.59 0.86 -36.45
C THR B 153 0.94 -0.45 -37.15
N SER B 154 1.59 -1.34 -36.40
CA SER B 154 2.02 -2.65 -36.88
C SER B 154 2.78 -2.49 -38.19
N MET B 155 4.07 -2.16 -38.10
CA MET B 155 4.85 -1.81 -39.29
C MET B 155 5.70 -2.95 -39.88
N ASN B 156 6.83 -3.24 -39.25
CA ASN B 156 7.70 -4.29 -39.77
C ASN B 156 7.39 -5.66 -39.17
N VAL B 157 6.33 -5.72 -38.35
CA VAL B 157 5.88 -6.94 -37.66
C VAL B 157 5.99 -8.23 -38.48
N ASN B 158 5.03 -8.46 -39.38
CA ASN B 158 5.06 -9.62 -40.26
C ASN B 158 6.24 -9.56 -41.23
N GLU B 159 6.74 -8.36 -41.49
CA GLU B 159 7.93 -8.18 -42.32
C GLU B 159 9.16 -8.70 -41.60
N ILE B 160 9.41 -8.18 -40.39
CA ILE B 160 10.47 -8.68 -39.52
C ILE B 160 10.27 -10.16 -39.22
N PHE B 161 9.05 -10.63 -39.42
CA PHE B 161 8.72 -12.03 -39.23
C PHE B 161 9.12 -12.95 -40.38
N MET B 162 8.77 -12.63 -41.62
CA MET B 162 9.27 -13.42 -42.74
C MET B 162 10.80 -13.32 -42.76
N ALA B 163 11.31 -12.17 -42.30
CA ALA B 163 12.74 -11.97 -42.06
C ALA B 163 13.27 -13.01 -41.07
N ILE B 164 12.56 -13.16 -39.97
CA ILE B 164 12.82 -14.24 -39.03
C ILE B 164 12.92 -15.57 -39.80
N ALA B 165 11.88 -15.88 -40.56
CA ALA B 165 11.66 -17.22 -41.12
C ALA B 165 12.57 -17.67 -42.26
N LYS B 166 13.16 -16.75 -43.02
CA LYS B 166 14.09 -17.16 -44.09
C LYS B 166 15.35 -17.89 -43.56
N LYS B 167 15.53 -17.91 -42.23
CA LYS B 167 16.71 -18.50 -41.61
C LYS B 167 16.68 -20.01 -41.24
N LEU B 168 15.56 -20.50 -40.68
CA LEU B 168 15.48 -21.90 -40.26
C LEU B 168 15.53 -22.90 -41.41
N PRO B 169 16.30 -23.97 -41.24
CA PRO B 169 16.34 -25.15 -42.12
C PRO B 169 14.94 -25.68 -42.46
N GLU C 2 22.44 -63.67 18.63
CA GLU C 2 22.04 -62.49 17.85
C GLU C 2 20.52 -62.30 17.92
N THR C 3 19.80 -63.40 17.76
CA THR C 3 18.34 -63.43 17.79
C THR C 3 17.78 -62.64 18.99
N ARG C 4 18.31 -62.96 20.17
CA ARG C 4 17.83 -62.38 21.41
C ARG C 4 18.24 -60.91 21.61
N ASP C 5 19.33 -60.51 20.96
CA ASP C 5 19.73 -59.10 20.95
C ASP C 5 18.71 -58.36 20.09
N GLN C 6 18.36 -58.98 18.96
CA GLN C 6 17.36 -58.42 18.06
C GLN C 6 16.11 -58.19 18.88
N VAL C 7 15.87 -59.07 19.85
CA VAL C 7 14.66 -58.97 20.67
C VAL C 7 14.73 -57.88 21.76
N LYS C 8 15.87 -57.70 22.44
CA LYS C 8 15.96 -56.53 23.31
C LYS C 8 15.78 -55.23 22.51
N LYS C 9 16.61 -55.01 21.49
CA LYS C 9 16.59 -53.74 20.74
C LYS C 9 15.21 -53.49 20.12
N LEU C 10 14.53 -54.58 19.76
CA LEU C 10 13.16 -54.44 19.28
C LEU C 10 12.21 -54.01 20.43
N GLN C 11 12.34 -54.63 21.59
CA GLN C 11 11.52 -54.22 22.75
C GLN C 11 11.77 -52.77 23.14
N LEU C 12 12.98 -52.27 22.88
CA LEU C 12 13.29 -50.87 23.12
C LEU C 12 12.53 -49.98 22.12
N MET C 13 12.68 -50.27 20.82
CA MET C 13 11.98 -49.46 19.83
C MET C 13 10.48 -49.43 20.04
N LEU C 14 9.90 -50.57 20.40
CA LEU C 14 8.47 -50.58 20.70
C LEU C 14 8.02 -49.88 21.99
N ARG C 15 8.65 -50.15 23.14
CA ARG C 15 8.25 -49.41 24.35
C ARG C 15 8.43 -47.90 24.21
N GLN C 16 9.60 -47.50 23.73
CA GLN C 16 9.90 -46.08 23.53
C GLN C 16 8.92 -45.46 22.56
N ALA C 17 8.69 -46.14 21.44
CA ALA C 17 7.77 -45.60 20.45
C ALA C 17 6.37 -45.50 21.04
N ASN C 18 5.96 -46.41 21.92
CA ASN C 18 4.60 -46.30 22.43
C ASN C 18 4.47 -45.16 23.42
N ASP C 19 5.43 -44.97 24.32
CA ASP C 19 5.35 -43.81 25.20
C ASP C 19 5.24 -42.56 24.32
N GLN C 20 5.93 -42.60 23.18
CA GLN C 20 5.95 -41.44 22.28
C GLN C 20 4.67 -41.21 21.48
N LEU C 21 4.11 -42.27 20.90
CA LEU C 21 2.82 -42.19 20.26
C LEU C 21 1.86 -41.66 21.25
N GLU C 22 1.83 -42.31 22.39
CA GLU C 22 0.89 -41.98 23.43
C GLU C 22 1.04 -40.47 23.71
N LYS C 23 2.28 -39.98 23.76
CA LYS C 23 2.52 -38.54 23.89
C LYS C 23 1.84 -37.74 22.77
N THR C 24 2.13 -38.06 21.52
CA THR C 24 1.58 -37.25 20.45
C THR C 24 0.06 -37.24 20.45
N MET C 25 -0.59 -38.38 20.64
CA MET C 25 -2.05 -38.36 20.70
C MET C 25 -2.50 -37.38 21.77
N LYS C 26 -1.82 -37.38 22.93
CA LYS C 26 -2.15 -36.35 23.92
C LYS C 26 -1.99 -34.94 23.38
N ASP C 27 -0.79 -34.59 22.94
CA ASP C 27 -0.46 -33.22 22.60
C ASP C 27 -1.47 -32.69 21.58
N LYS C 28 -1.68 -33.50 20.55
CA LYS C 28 -2.60 -33.20 19.46
C LYS C 28 -3.99 -33.00 19.95
N GLN C 29 -4.60 -34.03 20.49
CA GLN C 29 -5.96 -33.85 20.89
C GLN C 29 -6.10 -32.64 21.84
N GLU C 30 -5.05 -32.38 22.60
CA GLU C 30 -5.09 -31.28 23.52
C GLU C 30 -5.23 -30.00 22.80
N LEU C 31 -4.35 -29.90 21.84
CA LEU C 31 -4.13 -28.75 21.03
C LEU C 31 -5.35 -28.27 20.21
N GLU C 32 -6.08 -29.24 19.66
CA GLU C 32 -7.27 -28.87 18.90
C GLU C 32 -8.15 -28.19 19.97
N ASP C 33 -8.22 -28.77 21.17
CA ASP C 33 -8.97 -28.17 22.24
C ASP C 33 -8.44 -26.79 22.54
N PHE C 34 -7.14 -26.58 22.36
CA PHE C 34 -6.56 -25.27 22.60
C PHE C 34 -7.20 -24.24 21.67
N ILE C 35 -7.11 -24.48 20.36
CA ILE C 35 -7.56 -23.52 19.33
C ILE C 35 -9.05 -23.40 19.17
N LYS C 36 -9.78 -24.46 19.47
CA LYS C 36 -11.20 -24.38 19.33
C LYS C 36 -11.63 -23.22 20.20
N GLN C 37 -11.38 -23.40 21.48
CA GLN C 37 -11.82 -22.41 22.43
C GLN C 37 -11.08 -21.12 22.15
N SER C 38 -9.83 -21.23 21.75
CA SER C 38 -9.05 -20.03 21.48
C SER C 38 -9.65 -19.08 20.39
N SER C 39 -9.84 -19.59 19.16
CA SER C 39 -10.50 -18.85 18.05
C SER C 39 -11.94 -18.49 18.37
N GLU C 40 -12.47 -19.18 19.38
CA GLU C 40 -13.73 -18.73 19.92
C GLU C 40 -13.46 -17.40 20.58
N ASP C 41 -12.38 -17.30 21.32
CA ASP C 41 -12.17 -16.05 22.04
C ASP C 41 -11.68 -15.00 21.13
N SER C 42 -11.04 -15.44 20.07
CA SER C 42 -10.61 -14.53 19.06
C SER C 42 -11.85 -13.93 18.57
N SER C 43 -12.75 -14.81 18.22
CA SER C 43 -13.92 -14.33 17.55
C SER C 43 -14.86 -13.48 18.32
N HIS C 44 -15.40 -14.11 19.35
CA HIS C 44 -16.45 -13.57 20.13
C HIS C 44 -15.94 -12.21 20.56
N GLN C 45 -14.69 -12.20 20.99
CA GLN C 45 -14.14 -10.94 21.46
C GLN C 45 -13.99 -9.93 20.40
N ILE C 46 -13.63 -10.38 19.23
CA ILE C 46 -13.26 -9.41 18.28
C ILE C 46 -14.46 -8.65 17.82
N SER C 47 -15.54 -9.40 17.65
CA SER C 47 -16.82 -8.84 17.18
C SER C 47 -17.43 -7.89 18.20
N ALA C 48 -17.44 -8.37 19.44
CA ALA C 48 -17.90 -7.52 20.52
C ALA C 48 -17.00 -6.28 20.61
N LEU C 49 -15.75 -6.45 20.16
CA LEU C 49 -14.82 -5.34 20.13
C LEU C 49 -15.09 -4.27 19.04
N VAL C 50 -15.16 -4.66 17.76
CA VAL C 50 -15.32 -3.63 16.75
C VAL C 50 -16.68 -3.04 16.92
N LEU C 51 -17.62 -3.89 17.34
CA LEU C 51 -18.96 -3.40 17.51
C LEU C 51 -18.77 -2.19 18.42
N ARG C 52 -17.85 -2.24 19.37
CA ARG C 52 -17.60 -1.03 20.14
C ARG C 52 -16.87 0.03 19.36
N ALA C 53 -16.00 -0.35 18.46
CA ALA C 53 -15.28 0.69 17.74
C ALA C 53 -16.27 1.61 17.03
N GLN C 54 -16.90 1.03 16.02
CA GLN C 54 -17.76 1.75 15.07
C GLN C 54 -19.08 2.21 15.62
N ALA C 55 -19.46 1.59 16.71
CA ALA C 55 -20.57 2.10 17.45
C ALA C 55 -20.06 3.18 18.34
N SER C 56 -18.75 3.31 18.57
CA SER C 56 -18.31 4.39 19.41
C SER C 56 -17.41 5.41 18.80
N GLU C 57 -16.49 4.96 17.97
CA GLU C 57 -15.52 5.92 17.48
C GLU C 57 -16.25 7.02 16.75
N ILE C 58 -17.43 6.72 16.25
CA ILE C 58 -18.30 7.71 15.58
C ILE C 58 -19.05 8.61 16.52
N LEU C 59 -19.34 8.06 17.66
CA LEU C 59 -20.22 8.73 18.58
C LEU C 59 -19.71 10.07 18.91
N LEU C 60 -18.42 10.18 18.77
CA LEU C 60 -17.77 11.45 18.92
C LEU C 60 -17.98 12.52 17.77
N GLU C 61 -18.10 12.20 16.48
CA GLU C 61 -18.22 13.35 15.57
C GLU C 61 -19.51 14.05 15.71
N GLU C 62 -20.45 13.45 16.41
CA GLU C 62 -21.68 14.16 16.71
C GLU C 62 -21.19 15.39 17.42
N LEU C 63 -20.12 15.19 18.21
CA LEU C 63 -19.36 16.27 18.84
C LEU C 63 -18.46 16.99 17.86
N GLN C 64 -17.78 16.27 16.97
CA GLN C 64 -16.86 16.96 16.07
C GLN C 64 -17.60 18.11 15.47
N GLN C 65 -18.82 17.86 15.00
CA GLN C 65 -19.63 18.96 14.57
C GLN C 65 -20.23 19.73 15.78
N GLY C 66 -20.60 19.04 16.85
CA GLY C 66 -21.32 19.75 17.90
C GLY C 66 -20.53 20.82 18.63
N LEU C 67 -19.22 20.68 18.63
CA LEU C 67 -18.41 21.69 19.27
C LEU C 67 -18.37 22.86 18.37
N SER C 68 -18.19 22.64 17.07
CA SER C 68 -18.12 23.78 16.16
C SER C 68 -19.44 24.57 16.15
N GLN C 69 -20.57 23.92 16.45
CA GLN C 69 -21.80 24.71 16.60
C GLN C 69 -21.81 25.51 17.91
N ALA C 70 -21.41 24.89 19.00
CA ALA C 70 -21.49 25.62 20.26
C ALA C 70 -20.47 26.73 20.29
N LYS C 71 -19.43 26.60 19.48
CA LYS C 71 -18.45 27.65 19.33
C LYS C 71 -19.05 28.77 18.46
N ARG C 72 -19.83 28.45 17.42
CA ARG C 72 -20.47 29.55 16.64
C ARG C 72 -21.61 30.28 17.39
N ASP C 73 -22.46 29.53 18.09
CA ASP C 73 -23.53 30.16 18.87
C ASP C 73 -22.98 30.91 20.11
N VAL C 74 -22.10 30.31 20.90
CA VAL C 74 -21.53 31.06 22.01
C VAL C 74 -20.58 32.22 21.59
N GLN C 75 -19.91 32.13 20.45
CA GLN C 75 -19.21 33.31 19.93
C GLN C 75 -20.29 34.35 19.61
N GLU C 76 -21.48 33.88 19.21
CA GLU C 76 -22.63 34.77 18.94
C GLU C 76 -23.21 35.50 20.17
N GLN C 77 -23.24 34.85 21.32
CA GLN C 77 -23.89 35.51 22.44
C GLN C 77 -23.18 36.79 22.82
N MET C 78 -21.89 36.88 22.52
CA MET C 78 -21.19 38.14 22.80
C MET C 78 -21.67 39.19 21.80
N ALA C 79 -22.21 38.73 20.68
CA ALA C 79 -22.87 39.64 19.75
C ALA C 79 -24.30 39.98 20.18
N VAL C 80 -25.00 39.06 20.84
CA VAL C 80 -26.36 39.36 21.33
C VAL C 80 -26.26 40.35 22.48
N LEU C 81 -25.12 40.35 23.14
CA LEU C 81 -24.88 41.37 24.14
C LEU C 81 -24.40 42.68 23.47
N MET C 82 -23.62 42.55 22.37
CA MET C 82 -22.87 43.70 21.82
C MET C 82 -23.69 44.95 21.41
N GLN C 83 -24.96 44.77 21.08
CA GLN C 83 -25.84 45.91 20.82
C GLN C 83 -26.44 46.46 22.11
N SER C 84 -26.45 45.63 23.16
CA SER C 84 -27.09 45.99 24.43
C SER C 84 -26.29 46.99 25.28
N LYS D 8 10.70 -62.74 15.81
CA LYS D 8 10.30 -62.80 14.40
C LYS D 8 9.12 -61.89 14.14
N LYS D 9 8.02 -62.19 14.84
CA LYS D 9 6.74 -61.48 14.81
C LYS D 9 6.85 -60.03 15.29
N LEU D 10 7.89 -59.75 16.07
CA LEU D 10 8.10 -58.42 16.62
C LEU D 10 8.37 -57.40 15.52
N GLN D 11 9.14 -57.76 14.49
CA GLN D 11 9.40 -56.80 13.41
C GLN D 11 8.14 -56.28 12.65
N LEU D 12 7.10 -57.11 12.50
CA LEU D 12 5.84 -56.67 11.86
C LEU D 12 5.01 -55.72 12.74
N MET D 13 4.77 -56.16 13.97
CA MET D 13 4.09 -55.35 14.98
C MET D 13 4.83 -54.03 15.16
N LEU D 14 6.17 -54.01 15.03
CA LEU D 14 6.95 -52.74 15.06
C LEU D 14 6.73 -51.88 13.82
N ARG D 15 6.60 -52.49 12.64
CA ARG D 15 6.23 -51.69 11.46
C ARG D 15 4.98 -50.93 11.85
N GLN D 16 4.08 -51.70 12.46
CA GLN D 16 2.82 -51.23 13.02
C GLN D 16 3.05 -50.16 14.11
N ALA D 17 4.07 -50.33 14.94
CA ALA D 17 4.36 -49.35 15.99
C ALA D 17 4.72 -48.02 15.37
N ASN D 18 5.24 -48.05 14.15
CA ASN D 18 5.55 -46.81 13.42
C ASN D 18 4.52 -46.03 12.62
N ASP D 19 3.91 -46.75 11.72
CA ASP D 19 2.99 -46.16 10.75
C ASP D 19 1.81 -45.38 11.28
N GLN D 20 1.24 -45.84 12.37
CA GLN D 20 0.05 -45.22 12.93
C GLN D 20 0.51 -43.92 13.50
N LEU D 21 1.63 -43.96 14.19
CA LEU D 21 2.25 -42.72 14.65
C LEU D 21 2.47 -41.76 13.51
N GLU D 22 3.16 -42.19 12.46
CA GLU D 22 3.42 -41.28 11.35
C GLU D 22 2.12 -40.61 10.84
N LYS D 23 1.04 -41.40 10.79
CA LYS D 23 -0.28 -40.86 10.48
C LYS D 23 -0.68 -39.76 11.47
N THR D 24 -0.63 -40.11 12.75
CA THR D 24 -1.05 -39.18 13.78
C THR D 24 -0.17 -37.93 13.66
N MET D 25 1.08 -38.13 13.27
CA MET D 25 1.96 -37.01 12.96
C MET D 25 1.37 -36.09 11.88
N LYS D 26 0.77 -36.69 10.85
CA LYS D 26 0.06 -35.83 9.90
C LYS D 26 -0.93 -34.94 10.65
N ASP D 27 -1.85 -35.60 11.37
CA ASP D 27 -3.03 -34.94 11.96
C ASP D 27 -2.53 -33.72 12.74
N LYS D 28 -1.56 -33.99 13.60
CA LYS D 28 -0.99 -32.92 14.33
C LYS D 28 -0.40 -31.89 13.37
N GLN D 29 0.56 -32.26 12.53
CA GLN D 29 1.26 -31.24 11.73
C GLN D 29 0.37 -30.26 10.93
N GLU D 30 -0.78 -30.76 10.44
CA GLU D 30 -1.80 -29.93 9.73
C GLU D 30 -2.42 -28.92 10.66
N LEU D 31 -2.76 -29.42 11.84
CA LEU D 31 -3.38 -28.57 12.80
C LEU D 31 -2.41 -27.45 13.02
N GLU D 32 -1.14 -27.79 13.09
CA GLU D 32 -0.14 -26.76 13.36
C GLU D 32 -0.06 -25.66 12.32
N ASP D 33 0.05 -26.06 11.06
CA ASP D 33 0.24 -25.02 10.05
C ASP D 33 -0.92 -24.05 10.21
N PHE D 34 -2.06 -24.68 10.45
CA PHE D 34 -3.32 -23.95 10.50
C PHE D 34 -3.36 -22.87 11.56
N ILE D 35 -3.08 -23.27 12.79
CA ILE D 35 -3.24 -22.28 13.82
C ILE D 35 -2.20 -21.21 13.63
N LYS D 36 -1.03 -21.52 13.05
CA LYS D 36 -0.10 -20.41 12.86
C LYS D 36 -0.80 -19.35 12.04
N GLN D 37 -1.43 -19.80 10.94
CA GLN D 37 -2.12 -18.92 9.97
C GLN D 37 -3.44 -18.17 10.33
N SER D 38 -4.40 -18.83 10.99
CA SER D 38 -5.57 -18.15 11.56
C SER D 38 -4.99 -17.12 12.49
N SER D 39 -3.95 -17.55 13.16
CA SER D 39 -3.24 -16.67 14.02
C SER D 39 -2.61 -15.51 13.26
N GLU D 40 -2.07 -15.75 12.09
CA GLU D 40 -1.44 -14.68 11.33
C GLU D 40 -2.44 -13.63 10.88
N ASP D 41 -3.58 -14.16 10.53
CA ASP D 41 -4.62 -13.36 10.01
C ASP D 41 -5.25 -12.52 11.06
N SER D 42 -5.34 -13.13 12.22
CA SER D 42 -5.94 -12.45 13.32
C SER D 42 -4.98 -11.34 13.49
N SER D 43 -3.71 -11.70 13.40
CA SER D 43 -2.68 -10.77 13.76
C SER D 43 -2.92 -9.55 13.00
N HIS D 44 -2.86 -9.65 11.68
CA HIS D 44 -2.95 -8.46 10.87
C HIS D 44 -4.22 -7.66 11.20
N GLN D 45 -5.31 -8.36 11.54
CA GLN D 45 -6.45 -7.56 11.98
C GLN D 45 -6.18 -6.78 13.24
N ILE D 46 -5.56 -7.36 14.26
CA ILE D 46 -5.46 -6.64 15.53
C ILE D 46 -4.49 -5.49 15.37
N SER D 47 -3.49 -5.66 14.53
CA SER D 47 -2.65 -4.51 14.37
C SER D 47 -3.53 -3.42 13.73
N ALA D 48 -4.26 -3.72 12.65
CA ALA D 48 -5.11 -2.65 12.00
C ALA D 48 -6.21 -1.99 12.86
N LEU D 49 -6.74 -2.77 13.81
CA LEU D 49 -7.75 -2.34 14.79
C LEU D 49 -7.16 -1.39 15.81
N VAL D 50 -5.96 -1.73 16.29
CA VAL D 50 -5.40 -0.85 17.28
C VAL D 50 -5.22 0.46 16.57
N LEU D 51 -4.73 0.35 15.35
CA LEU D 51 -4.42 1.54 14.58
C LEU D 51 -5.59 2.47 14.49
N ARG D 52 -6.80 1.93 14.32
CA ARG D 52 -7.95 2.87 14.31
C ARG D 52 -8.30 3.44 15.69
N ALA D 53 -8.22 2.57 16.70
CA ALA D 53 -8.70 2.95 18.01
C ALA D 53 -7.97 4.17 18.43
N GLN D 54 -6.64 4.10 18.44
CA GLN D 54 -5.92 5.25 19.03
C GLN D 54 -6.09 6.55 18.23
N ALA D 55 -6.53 6.45 16.98
CA ALA D 55 -6.78 7.67 16.22
C ALA D 55 -8.03 8.30 16.81
N SER D 56 -9.04 7.46 17.01
CA SER D 56 -10.24 7.97 17.63
C SER D 56 -9.90 8.56 18.97
N GLU D 57 -8.86 8.07 19.62
CA GLU D 57 -8.39 8.82 20.77
C GLU D 57 -7.72 10.18 20.48
N ILE D 58 -6.98 10.32 19.36
CA ILE D 58 -6.27 11.61 19.16
C ILE D 58 -7.23 12.74 18.97
N LEU D 59 -8.27 12.49 18.20
CA LEU D 59 -9.14 13.59 17.98
C LEU D 59 -9.79 13.86 19.30
N LEU D 60 -9.86 12.85 20.16
CA LEU D 60 -10.45 13.07 21.47
C LEU D 60 -9.64 13.93 22.45
N GLU D 61 -8.32 13.79 22.53
CA GLU D 61 -7.67 14.76 23.40
C GLU D 61 -7.73 16.11 22.65
N GLU D 62 -7.69 16.04 21.31
CA GLU D 62 -7.70 17.24 20.44
C GLU D 62 -8.92 18.10 20.76
N LEU D 63 -10.06 17.45 20.86
CA LEU D 63 -11.24 18.18 21.22
C LEU D 63 -11.22 18.57 22.70
N GLN D 64 -10.93 17.65 23.62
CA GLN D 64 -11.03 17.98 25.06
C GLN D 64 -10.26 19.28 25.38
N GLN D 65 -9.07 19.38 24.80
CA GLN D 65 -8.31 20.60 24.96
C GLN D 65 -8.99 21.73 24.17
N GLY D 66 -9.61 21.44 23.03
CA GLY D 66 -10.15 22.56 22.26
C GLY D 66 -11.32 23.25 22.95
N LEU D 67 -12.04 22.50 23.78
CA LEU D 67 -13.07 23.13 24.58
C LEU D 67 -12.42 23.85 25.74
N SER D 68 -11.49 23.17 26.41
CA SER D 68 -10.88 23.78 27.59
C SER D 68 -10.22 25.12 27.22
N GLN D 69 -9.85 25.27 25.95
CA GLN D 69 -9.40 26.55 25.40
C GLN D 69 -10.57 27.49 25.10
N ALA D 70 -11.66 26.96 24.58
CA ALA D 70 -12.75 27.85 24.20
C ALA D 70 -13.41 28.49 25.43
N LYS D 71 -13.18 27.91 26.60
CA LYS D 71 -13.64 28.56 27.84
C LYS D 71 -12.77 29.77 28.11
N ARG D 72 -11.49 29.66 27.78
CA ARG D 72 -10.54 30.76 27.90
C ARG D 72 -10.92 31.83 26.90
N ASP D 73 -11.42 31.39 25.75
CA ASP D 73 -11.81 32.32 24.71
C ASP D 73 -13.04 33.12 25.20
N VAL D 74 -14.07 32.46 25.73
CA VAL D 74 -15.21 33.23 26.24
C VAL D 74 -14.87 34.07 27.45
N GLN D 75 -13.98 33.58 28.30
CA GLN D 75 -13.59 34.42 29.42
C GLN D 75 -12.80 35.65 29.02
N GLU D 76 -11.92 35.54 28.03
CA GLU D 76 -11.21 36.74 27.58
C GLU D 76 -12.14 37.69 26.81
N GLN D 77 -13.05 37.15 26.00
CA GLN D 77 -13.93 38.04 25.26
C GLN D 77 -15.05 38.68 26.11
N MET D 78 -15.60 37.95 27.06
CA MET D 78 -16.62 38.57 27.88
C MET D 78 -15.96 39.44 28.94
N ALA D 79 -14.66 39.23 29.13
CA ALA D 79 -13.93 40.19 29.94
C ALA D 79 -13.78 41.46 29.09
N VAL D 80 -13.69 41.27 27.78
CA VAL D 80 -13.57 42.40 26.86
C VAL D 80 -14.84 43.21 26.68
N LEU D 81 -16.00 42.57 26.79
CA LEU D 81 -17.22 43.34 26.59
C LEU D 81 -17.78 44.14 27.80
N MET D 82 -17.73 43.58 29.01
CA MET D 82 -18.36 44.26 30.15
C MET D 82 -17.74 45.61 30.51
N GLU E 11 -17.75 47.42 26.88
CA GLU E 11 -16.52 47.33 26.08
C GLU E 11 -15.68 48.57 26.23
N THR E 12 -16.28 49.70 25.86
CA THR E 12 -15.70 51.03 26.02
C THR E 12 -15.36 51.42 27.48
N ASP E 13 -16.13 50.88 28.42
CA ASP E 13 -15.92 51.14 29.85
C ASP E 13 -14.67 50.51 30.45
N ARG E 14 -14.67 49.18 30.47
CA ARG E 14 -13.72 48.44 31.29
C ARG E 14 -12.32 48.64 30.80
N VAL E 15 -12.15 48.65 29.48
CA VAL E 15 -10.82 48.79 28.94
C VAL E 15 -10.34 50.23 29.09
N SER E 16 -11.31 51.15 29.09
CA SER E 16 -11.05 52.56 29.38
C SER E 16 -10.38 52.60 30.76
N LYS E 17 -10.85 51.70 31.63
CA LYS E 17 -10.32 51.63 32.98
C LYS E 17 -8.92 51.01 32.98
N GLU E 18 -8.76 49.83 32.39
CA GLU E 18 -7.47 49.15 32.40
C GLU E 18 -6.35 50.05 31.88
N PHE E 19 -6.58 50.77 30.79
CA PHE E 19 -5.53 51.66 30.34
C PHE E 19 -5.36 52.93 31.20
N ILE E 20 -6.45 53.55 31.69
CA ILE E 20 -6.25 54.76 32.53
C ILE E 20 -5.44 54.39 33.76
N GLU E 21 -5.69 53.17 34.24
CA GLU E 21 -4.89 52.55 35.29
C GLU E 21 -3.45 52.35 34.79
N PHE E 22 -3.30 52.03 33.51
CA PHE E 22 -2.01 51.70 32.93
C PHE E 22 -1.04 52.88 32.72
N LEU E 23 -1.52 54.01 32.18
CA LEU E 23 -0.63 55.10 31.78
C LEU E 23 -0.25 56.06 32.91
N LYS E 24 -1.10 56.13 33.93
CA LYS E 24 -0.87 57.02 35.06
C LYS E 24 0.37 56.61 35.87
N THR E 25 0.88 55.39 35.64
CA THR E 25 2.02 54.86 36.39
C THR E 25 3.27 55.71 36.26
N PHE E 26 3.35 56.44 35.16
CA PHE E 26 4.50 57.29 34.89
C PHE E 26 4.32 58.65 35.56
N HIS E 27 3.08 59.14 35.53
CA HIS E 27 2.69 60.46 36.03
C HIS E 27 3.40 61.54 35.19
N LYS E 28 3.97 61.11 34.07
CA LYS E 28 4.74 61.98 33.18
C LYS E 28 4.25 61.82 31.75
N THR E 29 4.40 60.61 31.23
CA THR E 29 4.07 60.32 29.85
C THR E 29 2.62 59.86 29.76
N GLY E 30 2.01 59.66 30.93
CA GLY E 30 0.65 59.17 31.03
C GLY E 30 -0.40 59.88 30.19
N GLN E 31 -0.33 61.20 30.10
CA GLN E 31 -1.30 62.00 29.32
C GLN E 31 -1.06 62.01 27.77
N GLU E 32 0.19 62.23 27.38
CA GLU E 32 0.61 62.36 25.97
C GLU E 32 0.13 61.26 25.02
N ILE E 33 0.37 60.03 25.45
CA ILE E 33 -0.03 58.84 24.72
C ILE E 33 -1.55 58.78 24.60
N TYR E 34 -2.23 59.01 25.72
CA TYR E 34 -3.68 58.97 25.73
C TYR E 34 -4.30 59.86 24.66
N LYS E 35 -4.04 61.17 24.73
CA LYS E 35 -4.68 62.06 23.74
C LYS E 35 -4.21 61.86 22.31
N GLN E 36 -2.90 61.68 22.07
CA GLN E 36 -2.42 61.43 20.70
C GLN E 36 -3.20 60.26 20.11
N THR E 37 -3.35 59.23 20.96
CA THR E 37 -4.10 58.07 20.59
C THR E 37 -5.52 58.37 20.22
N LYS E 38 -6.30 58.96 21.12
CA LYS E 38 -7.71 59.15 20.76
C LYS E 38 -7.88 60.09 19.57
N LEU E 39 -6.89 60.94 19.35
CA LEU E 39 -6.83 61.77 18.15
C LEU E 39 -6.69 60.97 16.85
N PHE E 40 -5.61 60.22 16.68
CA PHE E 40 -5.48 59.49 15.42
C PHE E 40 -6.60 58.45 15.36
N LEU E 41 -7.14 58.09 16.53
CA LEU E 41 -8.27 57.17 16.65
C LEU E 41 -9.51 57.70 15.98
N GLU E 42 -9.95 58.90 16.38
CA GLU E 42 -11.05 59.52 15.66
C GLU E 42 -10.66 59.61 14.18
N GLY E 43 -9.39 59.85 13.90
CA GLY E 43 -8.96 59.82 12.50
C GLY E 43 -9.26 58.52 11.75
N MET E 44 -8.82 57.40 12.29
CA MET E 44 -8.98 56.10 11.62
C MET E 44 -10.41 55.56 11.62
N HIS E 45 -11.18 55.93 12.65
CA HIS E 45 -12.61 55.60 12.69
C HIS E 45 -13.39 56.46 11.68
N TYR E 46 -12.93 57.70 11.46
CA TYR E 46 -13.47 58.53 10.38
C TYR E 46 -13.19 57.82 9.07
N LYS E 47 -11.97 57.27 8.99
CA LYS E 47 -11.50 56.63 7.79
C LYS E 47 -12.02 55.20 7.68
N ARG E 48 -12.79 54.77 8.69
CA ARG E 48 -13.37 53.43 8.68
C ARG E 48 -14.16 53.19 7.40
N ASP E 49 -14.75 54.27 6.88
CA ASP E 49 -15.50 54.24 5.63
C ASP E 49 -14.62 54.61 4.45
N LEU E 50 -13.42 55.11 4.75
CA LEU E 50 -12.46 55.44 3.71
C LEU E 50 -11.89 54.13 3.16
N SER E 51 -11.34 54.18 1.94
CA SER E 51 -10.75 53.02 1.27
C SER E 51 -9.68 52.29 2.12
N ILE E 52 -9.58 50.97 1.94
CA ILE E 52 -8.76 50.12 2.81
C ILE E 52 -7.27 50.46 2.84
N GLU E 53 -6.69 50.58 1.66
CA GLU E 53 -5.28 50.89 1.57
C GLU E 53 -5.11 52.23 2.24
N GLU E 54 -6.12 53.07 2.03
CA GLU E 54 -6.19 54.38 2.64
C GLU E 54 -6.54 54.26 4.14
N GLN E 55 -7.07 53.11 4.58
CA GLN E 55 -7.32 52.88 6.00
C GLN E 55 -6.03 52.63 6.81
N SER E 56 -5.12 51.79 6.32
CA SER E 56 -3.88 51.49 7.08
C SER E 56 -2.84 52.62 7.27
N GLU E 57 -2.86 53.63 6.42
CA GLU E 57 -1.76 54.60 6.35
C GLU E 57 -1.44 55.49 7.56
N CYS E 58 -2.38 56.30 8.04
CA CYS E 58 -2.06 57.16 9.19
C CYS E 58 -1.85 56.32 10.47
N ALA E 59 -2.22 55.04 10.40
CA ALA E 59 -1.92 54.05 11.44
C ALA E 59 -0.47 53.49 11.45
N GLN E 60 0.07 53.09 10.30
CA GLN E 60 1.50 52.70 10.24
C GLN E 60 2.41 53.95 10.33
N ASP E 61 1.87 55.06 9.84
CA ASP E 61 2.47 56.36 10.06
C ASP E 61 2.58 56.45 11.57
N PHE E 62 1.48 56.20 12.26
CA PHE E 62 1.43 56.24 13.71
C PHE E 62 2.49 55.31 14.33
N TYR E 63 2.73 54.16 13.72
CA TYR E 63 3.84 53.29 14.15
C TYR E 63 5.13 54.06 14.23
N HIS E 64 5.63 54.34 13.03
CA HIS E 64 6.97 54.88 12.85
C HIS E 64 7.07 56.19 13.63
N ASN E 65 5.98 56.96 13.57
CA ASN E 65 5.89 58.28 14.18
C ASN E 65 5.92 58.27 15.69
N VAL E 66 5.22 57.33 16.32
CA VAL E 66 5.29 57.26 17.79
C VAL E 66 6.70 56.83 18.17
N ALA E 67 7.15 55.75 17.54
CA ALA E 67 8.44 55.16 17.86
C ALA E 67 9.56 56.20 17.83
N GLU E 68 9.50 57.09 16.86
CA GLU E 68 10.47 58.16 16.78
C GLU E 68 10.16 59.31 17.74
N ARG E 69 8.89 59.70 17.84
CA ARG E 69 8.52 60.88 18.61
C ARG E 69 8.89 60.71 20.07
N MET E 70 8.65 59.53 20.62
CA MET E 70 8.95 59.31 22.02
C MET E 70 10.44 59.20 22.38
N GLN E 71 11.23 58.55 21.54
CA GLN E 71 12.64 58.32 21.87
C GLN E 71 13.55 59.54 21.94
N THR E 72 13.41 60.49 21.02
CA THR E 72 14.26 61.68 20.98
C THR E 72 14.11 62.60 22.18
N ARG E 73 12.86 62.80 22.57
CA ARG E 73 12.47 63.66 23.68
C ARG E 73 12.48 62.94 25.04
N GLY E 74 12.06 61.68 25.07
CA GLY E 74 11.83 60.96 26.32
C GLY E 74 12.93 60.23 27.09
N LYS E 75 14.03 59.85 26.43
CA LYS E 75 15.19 59.23 27.10
C LYS E 75 14.90 58.08 28.09
N VAL E 76 14.19 57.06 27.63
CA VAL E 76 13.82 55.93 28.49
C VAL E 76 14.43 54.63 28.04
N PRO E 77 14.92 53.81 28.99
CA PRO E 77 15.58 52.61 28.49
C PRO E 77 14.63 51.61 27.81
N PRO E 78 14.98 51.22 26.58
CA PRO E 78 14.21 50.35 25.70
C PRO E 78 14.38 48.87 26.01
N GLU E 79 15.15 48.52 27.05
CA GLU E 79 15.29 47.10 27.43
C GLU E 79 13.92 46.53 27.81
N ARG E 80 13.06 47.37 28.38
CA ARG E 80 11.67 47.01 28.72
C ARG E 80 10.70 47.09 27.52
N VAL E 81 11.03 47.93 26.53
CA VAL E 81 10.24 48.09 25.28
C VAL E 81 10.03 46.76 24.52
N GLU E 82 10.96 45.83 24.73
CA GLU E 82 10.89 44.46 24.20
C GLU E 82 9.54 43.85 24.54
N LYS E 83 9.03 44.29 25.68
CA LYS E 83 7.73 43.89 26.20
C LYS E 83 6.63 44.92 25.86
N ILE E 84 7.01 46.19 25.62
CA ILE E 84 6.02 47.27 25.33
C ILE E 84 5.42 47.05 23.94
N MET E 85 6.16 46.36 23.08
CA MET E 85 5.69 46.11 21.73
C MET E 85 4.39 45.30 21.81
N ASP E 86 4.29 44.48 22.87
CA ASP E 86 3.15 43.59 23.06
C ASP E 86 1.82 44.24 23.52
N GLN E 87 1.80 44.86 24.71
CA GLN E 87 0.55 45.31 25.35
C GLN E 87 -0.28 46.31 24.51
N ILE E 88 0.40 47.12 23.70
CA ILE E 88 -0.21 48.19 22.91
C ILE E 88 -1.30 47.75 21.92
N GLU E 89 -1.07 46.67 21.20
CA GLU E 89 -1.99 46.19 20.16
C GLU E 89 -3.39 45.74 20.60
N LYS E 90 -3.52 45.30 21.86
CA LYS E 90 -4.81 44.83 22.40
C LYS E 90 -5.94 45.86 22.34
N TYR E 91 -5.69 47.05 22.91
CA TYR E 91 -6.71 48.10 23.03
C TYR E 91 -7.21 48.53 21.66
N ILE E 92 -6.29 48.63 20.71
CA ILE E 92 -6.66 49.07 19.37
C ILE E 92 -7.49 47.99 18.64
N MET E 93 -6.92 46.79 18.53
CA MET E 93 -7.59 45.76 17.77
C MET E 93 -8.97 45.36 18.32
N THR E 94 -9.17 45.49 19.65
CA THR E 94 -10.49 45.19 20.23
C THR E 94 -11.66 46.01 19.64
N ARG E 95 -11.50 47.32 19.59
CA ARG E 95 -12.50 48.21 19.01
C ARG E 95 -12.50 48.07 17.49
N LEU E 96 -11.31 47.92 16.92
CA LEU E 96 -11.17 48.02 15.48
C LEU E 96 -11.54 46.76 14.70
N TYR E 97 -11.55 45.61 15.37
CA TYR E 97 -11.81 44.34 14.70
C TYR E 97 -13.06 44.45 13.86
N LYS E 98 -14.15 44.92 14.47
CA LYS E 98 -15.40 45.06 13.73
C LYS E 98 -15.17 45.87 12.47
N TYR E 99 -14.33 46.90 12.58
CA TYR E 99 -14.08 47.85 11.48
C TYR E 99 -13.08 47.35 10.42
N VAL E 100 -11.92 46.88 10.85
CA VAL E 100 -10.84 46.60 9.93
C VAL E 100 -10.60 45.15 9.57
N PHE E 101 -11.21 44.25 10.30
CA PHE E 101 -11.04 42.84 9.99
C PHE E 101 -11.98 42.57 8.84
N CYS E 102 -11.51 41.87 7.82
CA CYS E 102 -12.28 41.65 6.60
C CYS E 102 -13.05 42.89 6.15
N PRO E 103 -12.33 43.93 5.73
CA PRO E 103 -13.01 45.13 5.27
C PRO E 103 -13.85 44.79 4.07
N GLU E 104 -14.98 45.47 3.95
CA GLU E 104 -15.89 45.18 2.89
C GLU E 104 -15.28 45.71 1.58
N THR E 105 -14.36 46.65 1.72
CA THR E 105 -13.69 47.28 0.57
C THR E 105 -12.72 46.36 -0.13
N THR E 106 -12.31 45.32 0.56
CA THR E 106 -11.30 44.46 0.01
C THR E 106 -11.83 43.11 -0.43
N ASP E 107 -10.92 42.34 -1.01
CA ASP E 107 -11.20 41.02 -1.51
C ASP E 107 -10.90 39.98 -0.44
N ASP E 108 -10.66 40.43 0.79
CA ASP E 108 -10.24 39.55 1.89
C ASP E 108 -11.11 38.29 1.98
N GLU E 109 -12.40 38.51 2.20
CA GLU E 109 -13.39 37.44 2.26
C GLU E 109 -13.20 36.51 1.06
N LYS E 110 -13.13 37.16 -0.09
CA LYS E 110 -13.06 36.50 -1.38
C LYS E 110 -11.83 35.57 -1.53
N LYS E 111 -10.64 36.09 -1.20
CA LYS E 111 -9.44 35.29 -1.37
C LYS E 111 -9.32 34.25 -0.25
N ASP E 112 -10.05 34.49 0.85
CA ASP E 112 -10.24 33.50 1.93
C ASP E 112 -10.94 32.28 1.34
N LEU E 113 -11.90 32.57 0.48
CA LEU E 113 -12.63 31.49 -0.18
C LEU E 113 -11.77 30.86 -1.28
N ALA E 114 -10.89 31.66 -1.89
CA ALA E 114 -9.93 31.12 -2.85
C ALA E 114 -9.11 30.01 -2.18
N ILE E 115 -8.61 30.32 -0.99
CA ILE E 115 -7.81 29.33 -0.26
C ILE E 115 -8.63 28.13 0.18
N GLN E 116 -9.80 28.40 0.75
CA GLN E 116 -10.62 27.33 1.28
C GLN E 116 -10.95 26.32 0.16
N LYS E 117 -11.36 26.85 -1.00
CA LYS E 117 -11.73 25.98 -2.12
C LYS E 117 -10.51 25.25 -2.70
N ARG E 118 -9.44 25.99 -2.96
CA ARG E 118 -8.23 25.39 -3.51
C ARG E 118 -7.73 24.17 -2.70
N ILE E 119 -7.55 24.39 -1.39
CA ILE E 119 -7.06 23.37 -0.46
C ILE E 119 -7.95 22.15 -0.45
N ARG E 120 -9.24 22.41 -0.40
CA ARG E 120 -10.19 21.32 -0.46
C ARG E 120 -9.99 20.54 -1.72
N ALA E 121 -9.69 21.25 -2.79
CA ALA E 121 -9.58 20.60 -4.09
C ALA E 121 -8.27 19.85 -4.20
N LEU E 122 -7.36 20.12 -3.28
CA LEU E 122 -6.07 19.44 -3.32
C LEU E 122 -5.98 18.26 -2.36
N ARG E 123 -7.13 17.88 -1.83
CA ARG E 123 -7.22 16.85 -0.80
C ARG E 123 -6.63 15.48 -1.19
N TRP E 124 -6.24 15.33 -2.47
CA TRP E 124 -5.74 14.05 -2.99
C TRP E 124 -4.24 13.87 -2.90
N VAL E 125 -3.52 14.93 -2.57
CA VAL E 125 -2.06 14.90 -2.54
C VAL E 125 -1.51 14.28 -1.20
N THR E 126 -0.35 13.61 -1.27
CA THR E 126 0.28 12.95 -0.12
C THR E 126 1.77 13.41 -0.01
N PRO E 127 2.41 13.25 1.19
CA PRO E 127 3.74 13.87 1.42
C PRO E 127 4.98 13.16 0.82
N GLN E 128 4.88 11.88 0.52
CA GLN E 128 5.99 11.08 0.00
C GLN E 128 6.51 11.61 -1.33
N MET E 129 5.64 12.30 -2.07
CA MET E 129 6.05 12.99 -3.28
C MET E 129 6.85 14.26 -2.96
N LEU E 130 6.47 14.99 -1.90
CA LEU E 130 7.21 16.20 -1.47
C LEU E 130 8.48 15.76 -0.81
N CYS E 131 8.47 14.50 -0.40
CA CYS E 131 9.57 13.94 0.36
C CYS E 131 9.78 14.80 1.60
N VAL E 132 8.72 15.15 2.31
CA VAL E 132 8.92 15.92 3.55
C VAL E 132 9.47 15.01 4.64
N PRO E 133 10.39 15.54 5.44
CA PRO E 133 11.14 14.72 6.39
C PRO E 133 10.33 14.22 7.57
N VAL E 134 9.22 13.54 7.24
CA VAL E 134 8.39 12.94 8.27
C VAL E 134 8.04 11.50 7.98
N ASN E 135 7.69 10.84 9.07
CA ASN E 135 6.93 9.62 9.06
C ASN E 135 5.88 9.68 10.18
N GLU E 136 4.60 9.83 9.82
CA GLU E 136 3.54 10.06 10.83
C GLU E 136 3.03 8.74 11.44
N ASP E 137 3.62 7.64 10.99
CA ASP E 137 3.28 6.30 11.48
C ASP E 137 3.45 6.16 13.00
N ILE E 138 4.41 6.89 13.55
CA ILE E 138 4.70 6.84 14.98
C ILE E 138 3.60 7.56 15.73
N PRO E 139 3.11 6.94 16.81
CA PRO E 139 2.10 7.64 17.59
C PRO E 139 2.62 9.04 17.96
N GLU E 140 3.87 9.20 18.36
CA GLU E 140 4.42 10.51 18.76
C GLU E 140 4.48 11.65 17.71
N VAL E 141 5.19 11.43 16.59
CA VAL E 141 5.33 12.50 15.61
C VAL E 141 3.96 12.96 15.13
N SER E 142 3.05 12.02 14.90
CA SER E 142 1.68 12.34 14.51
C SER E 142 0.85 12.90 15.68
N ASP E 143 1.28 12.61 16.91
CA ASP E 143 0.63 13.13 18.10
C ASP E 143 0.84 14.62 18.09
N MET E 144 2.03 15.05 17.66
CA MET E 144 2.32 16.49 17.46
C MET E 144 1.87 17.04 16.08
N VAL E 145 1.63 16.14 15.12
CA VAL E 145 0.98 16.48 13.85
C VAL E 145 -0.39 17.07 14.12
N VAL E 146 -1.17 16.42 14.98
CA VAL E 146 -2.52 16.91 15.30
C VAL E 146 -2.54 18.36 15.83
N LYS E 147 -1.68 18.64 16.82
CA LYS E 147 -1.54 19.98 17.41
C LYS E 147 -0.96 20.94 16.38
N ALA E 148 -0.07 20.40 15.55
CA ALA E 148 0.50 21.18 14.47
C ALA E 148 -0.63 21.75 13.66
N ILE E 149 -1.59 20.88 13.36
CA ILE E 149 -2.80 21.32 12.67
C ILE E 149 -3.57 22.35 13.53
N THR E 150 -3.77 22.12 14.83
CA THR E 150 -4.66 23.03 15.60
C THR E 150 -4.14 24.43 16.02
N ASP E 151 -2.83 24.58 16.22
CA ASP E 151 -2.30 25.89 16.65
C ASP E 151 -2.40 26.94 15.57
N ILE E 152 -2.22 26.53 14.31
CA ILE E 152 -2.40 27.46 13.20
C ILE E 152 -3.87 27.84 13.04
N ILE E 153 -4.74 26.94 13.45
CA ILE E 153 -6.17 27.18 13.45
C ILE E 153 -6.63 28.25 14.46
N GLU E 154 -6.27 28.07 15.74
CA GLU E 154 -6.81 28.95 16.79
C GLU E 154 -6.43 30.42 16.65
N MET E 155 -5.53 30.75 15.72
CA MET E 155 -5.08 32.15 15.59
C MET E 155 -6.25 33.04 15.27
N ASP E 156 -7.19 32.50 14.50
CA ASP E 156 -8.35 33.26 14.12
C ASP E 156 -9.25 33.50 15.32
N SER E 157 -9.27 32.56 16.28
CA SER E 157 -10.13 32.69 17.46
C SER E 157 -9.85 34.03 18.16
N LYS E 158 -8.57 34.42 18.26
CA LYS E 158 -8.19 35.69 18.90
C LYS E 158 -8.04 36.90 17.96
N ARG E 159 -8.62 38.01 18.40
CA ARG E 159 -8.62 39.24 17.63
C ARG E 159 -7.25 39.88 17.55
N VAL E 160 -6.52 39.89 18.66
CA VAL E 160 -5.28 40.66 18.73
C VAL E 160 -4.12 40.03 17.94
N PRO E 161 -3.22 40.87 17.36
CA PRO E 161 -2.02 40.36 16.67
C PRO E 161 -1.01 39.70 17.61
N ARG E 162 -1.06 40.00 18.91
CA ARG E 162 -0.19 39.34 19.88
C ARG E 162 -0.45 37.86 19.98
N ASP E 163 -1.67 37.53 20.37
CA ASP E 163 -2.09 36.14 20.48
C ASP E 163 -2.01 35.45 19.12
N LYS E 164 -2.31 36.18 18.04
CA LYS E 164 -2.25 35.60 16.68
C LYS E 164 -0.81 35.20 16.31
N LEU E 165 0.12 36.14 16.36
CA LEU E 165 1.49 35.79 16.00
C LEU E 165 2.06 34.79 17.00
N ALA E 166 1.50 34.75 18.20
CA ALA E 166 1.92 33.73 19.15
C ALA E 166 1.43 32.38 18.65
N CYS E 167 0.30 32.38 17.94
CA CYS E 167 -0.23 31.16 17.37
C CYS E 167 0.63 30.70 16.19
N ILE E 168 1.09 31.65 15.38
CA ILE E 168 1.96 31.28 14.26
C ILE E 168 3.26 30.69 14.80
N THR E 169 3.95 31.44 15.66
CA THR E 169 5.24 31.02 16.24
C THR E 169 5.14 29.65 16.91
N LYS E 170 4.24 29.53 17.91
CA LYS E 170 4.02 28.24 18.56
C LYS E 170 3.83 27.14 17.50
N CYS E 171 3.08 27.47 16.44
CA CYS E 171 2.87 26.49 15.38
C CYS E 171 4.15 26.04 14.66
N SER E 172 4.88 27.00 14.10
CA SER E 172 6.13 26.70 13.38
C SER E 172 7.06 25.89 14.26
N LYS E 173 6.94 26.14 15.56
CA LYS E 173 7.80 25.45 16.49
C LYS E 173 7.41 23.99 16.68
N HIS E 174 6.14 23.69 16.98
CA HIS E 174 5.81 22.26 17.08
C HIS E 174 5.86 21.54 15.72
N ILE E 175 6.19 22.24 14.64
CA ILE E 175 6.33 21.53 13.36
C ILE E 175 7.62 20.73 12.96
N PHE E 176 8.82 21.28 13.11
CA PHE E 176 10.05 20.49 12.78
C PHE E 176 10.30 19.28 13.69
N ASN E 177 9.66 19.26 14.84
CA ASN E 177 9.83 18.16 15.77
C ASN E 177 9.45 16.82 15.15
N ALA E 178 8.57 16.81 14.14
CA ALA E 178 8.23 15.58 13.43
C ALA E 178 9.49 15.04 12.75
N ILE E 179 10.33 15.98 12.31
CA ILE E 179 11.62 15.67 11.73
C ILE E 179 12.46 15.08 12.84
N LYS E 180 12.38 15.68 14.02
CA LYS E 180 13.24 15.22 15.12
C LYS E 180 12.83 13.84 15.66
N ILE E 181 11.54 13.48 15.57
CA ILE E 181 11.07 12.14 15.94
C ILE E 181 11.31 11.07 14.84
N THR E 182 11.22 11.45 13.57
CA THR E 182 11.35 10.45 12.49
C THR E 182 12.76 10.22 11.89
N LYS E 183 13.36 11.30 11.39
CA LYS E 183 14.73 11.34 10.91
C LYS E 183 15.69 11.57 12.09
N ASN E 184 15.23 12.42 13.01
CA ASN E 184 15.97 13.00 14.15
C ASN E 184 16.98 14.09 13.81
N GLU E 185 16.62 14.88 12.81
CA GLU E 185 17.38 16.06 12.47
C GLU E 185 16.59 17.26 12.92
N PRO E 186 17.30 18.31 13.34
CA PRO E 186 16.66 19.55 13.79
C PRO E 186 15.91 20.25 12.65
N THR E 195 7.81 20.67 4.24
CA THR E 195 7.35 20.76 5.62
C THR E 195 6.18 21.67 5.80
N LEU E 196 6.41 22.92 5.42
CA LEU E 196 5.51 24.09 5.57
C LEU E 196 4.18 23.88 4.87
N ILE E 197 4.38 23.47 3.63
CA ILE E 197 3.39 23.04 2.66
C ILE E 197 2.59 21.84 3.17
N TYR E 198 3.29 20.89 3.79
CA TYR E 198 2.60 19.73 4.29
C TYR E 198 1.64 19.98 5.48
N ILE E 199 2.07 20.79 6.41
CA ILE E 199 1.19 21.01 7.54
C ILE E 199 -0.02 21.84 7.06
N VAL E 200 0.21 22.96 6.34
CA VAL E 200 -0.95 23.80 6.02
C VAL E 200 -1.92 23.02 5.22
N LEU E 201 -1.41 22.29 4.22
CA LEU E 201 -2.28 21.69 3.17
C LEU E 201 -3.22 20.61 3.76
N LYS E 202 -2.79 19.93 4.80
CA LYS E 202 -3.76 19.04 5.42
C LYS E 202 -4.73 19.80 6.37
N GLY E 203 -4.34 20.98 6.85
CA GLY E 203 -5.15 21.74 7.79
C GLY E 203 -6.31 22.64 7.32
N ASN E 204 -6.19 23.24 6.14
CA ASN E 204 -7.21 24.15 5.60
C ASN E 204 -7.72 25.32 6.46
N PRO E 205 -6.84 26.23 6.85
CA PRO E 205 -7.02 27.25 7.90
C PRO E 205 -8.09 28.33 7.61
N PRO E 206 -8.92 28.68 8.60
CA PRO E 206 -10.14 29.46 8.39
C PRO E 206 -9.89 30.94 8.25
N ARG E 207 -10.76 31.63 7.51
CA ARG E 207 -10.66 33.07 7.28
C ARG E 207 -9.23 33.55 6.99
N LEU E 208 -8.48 32.77 6.20
CA LEU E 208 -7.04 33.03 6.02
C LEU E 208 -6.68 34.41 5.50
N GLN E 209 -7.02 34.78 4.26
CA GLN E 209 -6.52 36.04 3.69
C GLN E 209 -6.73 37.24 4.62
N SER E 210 -7.95 37.53 5.09
CA SER E 210 -8.08 38.71 5.97
C SER E 210 -7.30 38.58 7.30
N ASN E 211 -6.98 37.35 7.69
CA ASN E 211 -6.08 37.12 8.83
C ASN E 211 -4.64 37.47 8.42
N ILE E 212 -4.18 36.86 7.33
CA ILE E 212 -2.86 37.05 6.77
C ILE E 212 -2.61 38.54 6.68
N GLN E 213 -3.57 39.22 6.06
CA GLN E 213 -3.51 40.65 5.82
C GLN E 213 -3.66 41.42 7.13
N TYR E 214 -4.56 40.99 8.02
CA TYR E 214 -4.68 41.59 9.36
C TYR E 214 -3.30 41.71 9.96
N ILE E 215 -2.50 40.67 9.71
CA ILE E 215 -1.12 40.65 10.12
C ILE E 215 -0.35 41.69 9.29
N THR E 216 -0.42 41.60 7.95
CA THR E 216 0.40 42.48 7.10
C THR E 216 0.25 43.94 7.49
N ARG E 217 -0.99 44.39 7.62
CA ARG E 217 -1.29 45.77 7.94
C ARG E 217 -1.06 46.07 9.41
N PHE E 218 -1.49 45.17 10.28
CA PHE E 218 -1.45 45.44 11.72
C PHE E 218 -0.48 44.67 12.57
N CYS E 219 0.42 43.92 11.95
CA CYS E 219 1.50 43.37 12.73
C CYS E 219 2.57 44.45 12.86
N ASN E 220 3.40 44.31 13.89
CA ASN E 220 4.54 45.16 14.12
C ASN E 220 5.67 44.87 13.15
N PRO E 221 6.06 45.84 12.31
CA PRO E 221 7.05 45.56 11.27
C PRO E 221 8.37 45.08 11.88
N SER E 222 8.61 45.50 13.12
CA SER E 222 9.81 45.12 13.86
C SER E 222 9.72 43.66 14.27
N ARG E 223 8.55 43.25 14.74
CA ARG E 223 8.30 41.85 15.11
C ARG E 223 8.51 40.95 13.89
N LEU E 224 8.37 41.56 12.71
CA LEU E 224 8.67 40.93 11.43
C LEU E 224 10.15 40.95 11.13
N MET E 225 10.84 41.97 11.64
CA MET E 225 12.28 42.06 11.42
C MET E 225 13.12 41.25 12.44
N THR E 226 13.02 41.58 13.74
CA THR E 226 13.81 40.86 14.75
C THR E 226 13.18 39.60 15.33
N GLY E 227 11.91 39.68 15.71
CA GLY E 227 11.27 38.57 16.39
C GLY E 227 11.17 37.38 15.46
N GLU E 228 11.25 36.18 16.03
CA GLU E 228 11.15 34.91 15.29
C GLU E 228 9.86 34.81 14.48
N ASP E 229 8.77 35.32 15.07
CA ASP E 229 7.45 35.32 14.44
C ASP E 229 7.54 35.89 13.02
N GLY E 230 8.46 36.84 12.85
CA GLY E 230 8.73 37.42 11.55
C GLY E 230 9.24 36.43 10.51
N TYR E 231 10.20 35.59 10.91
CA TYR E 231 10.87 34.66 10.01
C TYR E 231 9.90 33.57 9.66
N TYR E 232 9.19 33.14 10.70
CA TYR E 232 8.13 32.18 10.55
C TYR E 232 7.14 32.70 9.52
N PHE E 233 6.57 33.87 9.81
CA PHE E 233 5.53 34.46 8.96
C PHE E 233 5.98 34.63 7.51
N THR E 234 7.20 35.13 7.33
CA THR E 234 7.73 35.38 6.01
C THR E 234 7.76 34.06 5.22
N ASN E 235 8.40 33.03 5.79
CA ASN E 235 8.43 31.76 5.06
C ASN E 235 7.03 31.19 4.84
N LEU E 236 6.08 31.52 5.72
CA LEU E 236 4.71 31.05 5.51
C LEU E 236 4.18 31.57 4.20
N CYS E 237 4.15 32.90 4.06
CA CYS E 237 3.54 33.50 2.88
C CYS E 237 4.29 33.03 1.62
N CYS E 238 5.58 32.74 1.77
CA CYS E 238 6.27 32.08 0.66
C CYS E 238 5.49 30.80 0.30
N ALA E 239 5.29 29.93 1.29
CA ALA E 239 4.55 28.67 1.07
C ALA E 239 3.12 28.86 0.50
N VAL E 240 2.44 29.92 0.93
CA VAL E 240 1.07 30.22 0.52
C VAL E 240 1.01 30.60 -0.95
N ALA E 241 1.67 31.70 -1.28
CA ALA E 241 1.71 32.15 -2.67
C ALA E 241 2.28 31.05 -3.58
N PHE E 242 3.11 30.16 -3.02
CA PHE E 242 3.51 28.95 -3.72
C PHE E 242 2.34 28.03 -4.07
N ILE E 243 1.52 27.74 -3.07
CA ILE E 243 0.39 26.84 -3.27
C ILE E 243 -0.72 27.40 -4.17
N GLU E 244 -0.95 28.71 -4.08
CA GLU E 244 -2.02 29.38 -4.84
C GLU E 244 -1.97 29.06 -6.33
N LYS E 245 -0.79 29.12 -6.92
CA LYS E 245 -0.64 28.71 -8.31
C LYS E 245 0.03 27.35 -8.44
N LEU E 246 -0.16 26.47 -7.46
CA LEU E 246 0.64 25.26 -7.37
C LEU E 246 0.40 24.41 -8.61
N ASP E 247 1.50 23.95 -9.19
CA ASP E 247 1.49 23.36 -10.52
C ASP E 247 2.06 21.96 -10.58
N ALA E 248 2.12 21.44 -11.80
CA ALA E 248 2.77 20.17 -12.08
C ALA E 248 4.28 20.20 -11.81
N GLN E 249 4.98 21.25 -12.27
CA GLN E 249 6.46 21.30 -12.19
C GLN E 249 7.09 21.42 -10.81
N SER E 250 6.32 21.86 -9.82
CA SER E 250 6.76 21.79 -8.44
C SER E 250 6.54 20.38 -7.87
N LEU E 251 5.74 19.59 -8.58
CA LEU E 251 5.62 18.17 -8.24
C LEU E 251 6.57 17.28 -9.06
N ASN E 252 7.03 17.77 -10.21
CA ASN E 252 7.72 16.94 -11.21
C ASN E 252 6.92 15.69 -11.69
N LEU E 253 5.63 15.88 -12.01
CA LEU E 253 4.75 14.78 -12.52
C LEU E 253 4.02 15.16 -13.83
N SER E 254 3.77 14.17 -14.70
CA SER E 254 3.15 14.41 -16.03
C SER E 254 1.64 14.74 -16.08
N GLN E 255 1.22 15.44 -17.15
CA GLN E 255 -0.18 15.87 -17.31
C GLN E 255 -1.25 14.87 -17.79
N GLU E 256 -0.86 13.75 -18.40
CA GLU E 256 -1.87 12.81 -18.90
C GLU E 256 -2.75 12.30 -17.76
N ASP E 257 -2.11 11.83 -16.70
CA ASP E 257 -2.79 11.40 -15.49
C ASP E 257 -3.29 12.61 -14.68
N PHE E 258 -2.48 13.67 -14.67
CA PHE E 258 -2.75 14.93 -13.99
C PHE E 258 -4.16 15.43 -14.33
N ASP E 259 -4.48 15.42 -15.62
CA ASP E 259 -5.80 15.76 -16.11
C ASP E 259 -6.86 14.87 -15.45
N ARG E 260 -6.58 13.57 -15.38
CA ARG E 260 -7.48 12.61 -14.73
C ARG E 260 -7.76 13.08 -13.30
N TYR E 261 -6.71 13.55 -12.64
CA TYR E 261 -6.79 14.01 -11.25
C TYR E 261 -7.50 15.33 -11.12
N MET E 262 -7.57 16.06 -12.23
CA MET E 262 -8.33 17.29 -12.28
C MET E 262 -9.77 17.01 -12.70
N SER E 263 -10.05 15.77 -13.10
CA SER E 263 -11.38 15.41 -13.53
C SER E 263 -12.18 15.35 -12.25
N GLY E 264 -11.52 14.83 -11.22
CA GLY E 264 -12.09 14.78 -9.89
C GLY E 264 -12.12 13.41 -9.26
N GLN E 265 -11.55 13.31 -8.06
CA GLN E 265 -11.62 12.07 -7.30
C GLN E 265 -12.65 12.15 -6.14
N THR E 266 -13.52 13.20 -6.14
CA THR E 266 -14.38 13.53 -4.98
C THR E 266 -15.08 12.34 -4.27
N SER E 267 -15.87 11.57 -5.01
CA SER E 267 -16.32 10.22 -4.65
C SER E 267 -16.25 9.80 -3.18
N PRO E 268 -16.95 10.53 -2.29
CA PRO E 268 -16.77 10.37 -0.84
C PRO E 268 -17.54 9.23 -0.22
N ARG E 269 -18.85 9.25 -0.32
CA ARG E 269 -19.58 8.17 0.30
C ARG E 269 -19.19 6.87 -0.43
N LYS E 270 -18.46 7.01 -1.52
CA LYS E 270 -18.40 5.94 -2.49
C LYS E 270 -17.70 4.67 -1.99
N GLN E 271 -16.59 4.79 -1.27
CA GLN E 271 -15.89 3.61 -0.83
C GLN E 271 -16.82 2.81 0.02
N MET E 272 -17.48 3.52 0.94
CA MET E 272 -18.39 2.86 1.87
C MET E 272 -19.50 2.31 1.06
N TYR E 273 -19.92 3.02 0.03
CA TYR E 273 -20.95 2.43 -0.77
C TYR E 273 -20.40 1.10 -1.28
N LYS E 274 -19.26 1.10 -1.94
CA LYS E 274 -18.82 -0.17 -2.50
C LYS E 274 -18.52 -1.24 -1.47
N ASN E 275 -17.83 -0.85 -0.39
CA ASN E 275 -17.50 -1.81 0.64
C ASN E 275 -18.81 -2.45 1.00
N LEU E 276 -19.82 -1.62 1.24
CA LEU E 276 -21.09 -2.09 1.80
C LEU E 276 -21.84 -3.04 0.85
N ASP E 277 -21.61 -2.94 -0.46
CA ASP E 277 -22.17 -3.91 -1.41
C ASP E 277 -21.59 -5.31 -1.07
N LEU E 278 -20.25 -5.37 -1.10
CA LEU E 278 -19.50 -6.64 -1.05
C LEU E 278 -19.97 -7.49 0.08
N LEU E 279 -20.16 -6.81 1.20
CA LEU E 279 -20.34 -7.47 2.45
C LEU E 279 -21.37 -8.52 2.38
N SER E 280 -22.52 -8.22 1.84
CA SER E 280 -23.48 -9.30 2.01
C SER E 280 -23.23 -10.53 1.06
N GLN E 281 -22.56 -10.34 -0.09
CA GLN E 281 -22.19 -11.52 -0.89
C GLN E 281 -21.12 -12.33 -0.14
N LEU E 282 -20.32 -11.65 0.68
CA LEU E 282 -19.33 -12.34 1.52
C LEU E 282 -19.98 -13.07 2.69
N ASN E 283 -20.98 -12.46 3.32
CA ASN E 283 -21.72 -13.24 4.27
C ASN E 283 -22.29 -14.33 3.38
N GLU E 284 -22.69 -13.97 2.15
CA GLU E 284 -23.29 -14.96 1.26
C GLU E 284 -22.26 -16.03 1.00
N ARG E 285 -20.99 -15.67 0.91
CA ARG E 285 -19.99 -16.70 0.68
C ARG E 285 -19.95 -17.65 1.88
N GLN E 286 -19.82 -17.17 3.12
CA GLN E 286 -19.72 -18.10 4.25
C GLN E 286 -21.02 -18.74 4.67
N GLU E 287 -22.13 -18.05 4.45
CA GLU E 287 -23.38 -18.73 4.73
C GLU E 287 -23.42 -19.79 3.66
N ARG E 288 -22.83 -19.50 2.50
CA ARG E 288 -22.69 -20.49 1.43
C ARG E 288 -21.57 -21.50 1.74
N ILE E 289 -21.33 -21.78 3.02
CA ILE E 289 -20.24 -22.70 3.34
C ILE E 289 -20.57 -23.61 4.49
N MET E 290 -20.98 -22.96 5.56
CA MET E 290 -21.14 -23.64 6.82
C MET E 290 -22.05 -24.79 6.57
N ASN E 291 -23.05 -24.49 5.77
CA ASN E 291 -24.18 -25.37 5.56
C ASN E 291 -23.84 -26.65 4.81
N GLU E 292 -22.99 -26.54 3.79
CA GLU E 292 -22.65 -27.77 3.11
C GLU E 292 -21.69 -28.51 3.98
N ALA E 293 -20.89 -27.80 4.77
CA ALA E 293 -20.02 -28.54 5.65
C ALA E 293 -20.91 -29.28 6.64
N LYS E 294 -22.05 -28.66 7.01
CA LYS E 294 -23.04 -29.31 7.88
C LYS E 294 -23.75 -30.40 7.12
N LYS E 295 -23.90 -30.23 5.82
CA LYS E 295 -24.40 -31.34 5.03
C LYS E 295 -23.35 -32.44 4.99
N LEU E 296 -22.09 -32.02 4.91
CA LEU E 296 -21.00 -32.96 4.75
C LEU E 296 -20.69 -33.65 6.04
N GLU E 297 -21.17 -33.07 7.13
CA GLU E 297 -21.23 -33.77 8.39
C GLU E 297 -22.05 -35.01 8.27
N LYS E 298 -23.30 -34.83 7.87
CA LYS E 298 -24.25 -35.94 7.83
C LYS E 298 -23.77 -36.89 6.74
N ASP E 299 -23.62 -36.34 5.53
CA ASP E 299 -23.18 -37.11 4.38
C ASP E 299 -21.88 -37.88 4.68
N LEU E 300 -21.18 -37.48 5.74
CA LEU E 300 -19.98 -38.17 6.20
C LEU E 300 -20.28 -39.42 7.03
N ILE E 301 -20.92 -39.24 8.19
CA ILE E 301 -21.10 -40.38 9.09
C ILE E 301 -21.81 -41.49 8.37
N ASP E 302 -22.74 -41.15 7.48
CA ASP E 302 -23.56 -42.12 6.71
C ASP E 302 -22.70 -43.14 5.94
N TRP E 303 -21.43 -42.79 5.79
CA TRP E 303 -20.37 -43.67 5.28
C TRP E 303 -19.90 -44.57 6.39
N THR E 304 -19.37 -43.93 7.42
CA THR E 304 -18.86 -44.58 8.61
C THR E 304 -19.89 -45.53 9.28
N ASP E 305 -21.06 -45.03 9.65
CA ASP E 305 -22.14 -45.92 10.09
C ASP E 305 -22.58 -46.91 9.01
N GLY E 306 -22.55 -46.49 7.74
CA GLY E 306 -23.04 -47.34 6.67
C GLY E 306 -22.10 -48.52 6.46
N ILE E 307 -20.81 -48.23 6.58
CA ILE E 307 -19.74 -49.20 6.50
C ILE E 307 -19.78 -50.01 7.78
N ALA E 308 -20.39 -49.44 8.81
CA ALA E 308 -20.53 -50.10 10.10
C ALA E 308 -21.67 -51.10 10.07
N ARG E 309 -22.85 -50.66 9.64
CA ARG E 309 -24.01 -51.53 9.66
C ARG E 309 -23.82 -52.70 8.71
N GLU E 310 -23.44 -52.42 7.46
CA GLU E 310 -23.37 -53.48 6.46
C GLU E 310 -22.38 -54.60 6.80
N VAL E 311 -21.32 -54.28 7.53
CA VAL E 311 -20.43 -55.33 8.01
C VAL E 311 -20.85 -55.94 9.36
N GLN E 312 -21.58 -55.18 10.18
CA GLN E 312 -21.93 -55.66 11.52
C GLN E 312 -22.82 -56.87 11.36
N ASP E 313 -23.42 -56.95 10.18
CA ASP E 313 -24.15 -58.15 9.78
C ASP E 313 -23.12 -59.28 9.86
N ILE E 314 -22.09 -59.19 9.02
CA ILE E 314 -20.98 -60.15 8.96
C ILE E 314 -20.02 -59.77 7.84
N PHE F 8 20.82 43.08 10.92
CA PHE F 8 20.87 42.71 9.51
C PHE F 8 20.28 41.32 9.28
N LYS F 9 19.88 41.05 8.05
CA LYS F 9 19.27 39.76 7.72
C LYS F 9 20.11 38.91 6.77
N LEU F 10 20.60 37.77 7.26
CA LEU F 10 21.44 36.87 6.46
C LEU F 10 20.63 35.68 5.91
N VAL F 11 20.86 35.34 4.64
CA VAL F 11 20.17 34.24 3.96
C VAL F 11 21.16 33.14 3.53
N LEU F 12 20.94 31.91 4.02
CA LEU F 12 21.84 30.78 3.73
C LEU F 12 21.45 30.02 2.46
N SER F 21 23.71 21.60 6.30
CA SER F 21 22.93 21.51 7.53
C SER F 21 23.80 21.71 8.77
N SER F 22 25.07 21.35 8.65
CA SER F 22 25.93 21.24 9.82
C SER F 22 26.83 22.46 10.07
N LEU F 23 27.05 23.28 9.05
CA LEU F 23 28.04 24.36 9.16
C LEU F 23 27.61 25.57 9.99
N VAL F 24 26.31 25.87 9.97
CA VAL F 24 25.79 26.92 10.82
C VAL F 24 25.50 26.35 12.22
N LEU F 25 25.54 25.02 12.32
CA LEU F 25 25.33 24.29 13.59
C LEU F 25 26.53 24.39 14.52
N ARG F 26 27.72 24.47 13.93
CA ARG F 26 28.95 24.65 14.70
C ARG F 26 29.13 26.10 15.13
N PHE F 27 28.69 27.04 14.30
CA PHE F 27 28.87 28.47 14.61
C PHE F 27 28.02 28.94 15.79
N VAL F 28 26.70 28.83 15.67
CA VAL F 28 25.83 29.28 16.74
C VAL F 28 25.74 28.23 17.82
N ILE F 40 17.28 23.32 18.33
CA ILE F 40 15.86 22.99 18.26
C ILE F 40 15.36 23.18 16.85
N GLY F 41 15.46 24.42 16.39
CA GLY F 41 15.15 24.73 15.02
C GLY F 41 16.40 24.57 14.20
N ALA F 42 16.23 24.20 12.94
CA ALA F 42 17.35 24.07 12.02
C ALA F 42 17.62 25.42 11.35
N ALA F 43 16.55 26.13 11.04
CA ALA F 43 16.63 27.34 10.25
C ALA F 43 17.15 28.58 10.99
N PHE F 44 16.44 29.00 12.03
CA PHE F 44 16.70 30.29 12.66
C PHE F 44 17.52 30.23 13.95
N LEU F 45 18.63 30.98 13.95
CA LEU F 45 19.57 31.01 15.06
C LEU F 45 20.13 32.42 15.27
N THR F 46 19.88 32.97 16.45
CA THR F 46 20.21 34.36 16.76
C THR F 46 21.56 34.55 17.47
N GLN F 47 22.49 35.25 16.81
CA GLN F 47 23.83 35.47 17.39
C GLN F 47 24.20 36.95 17.50
N LYS F 57 22.82 42.07 15.40
CA LYS F 57 22.43 40.69 15.64
C LYS F 57 22.59 39.82 14.40
N PHE F 58 23.15 38.64 14.58
CA PHE F 58 23.04 37.64 13.53
C PHE F 58 21.62 37.12 13.52
N GLU F 59 20.85 37.57 12.53
CA GLU F 59 19.53 37.00 12.26
C GLU F 59 19.69 36.18 10.99
N ILE F 60 19.79 34.87 11.17
CA ILE F 60 20.21 33.99 10.10
C ILE F 60 19.10 33.02 9.67
N TRP F 61 18.83 33.01 8.37
CA TRP F 61 17.77 32.18 7.79
C TRP F 61 18.35 31.07 6.90
N ASP F 62 17.71 29.89 6.92
CA ASP F 62 18.27 28.68 6.31
C ASP F 62 17.41 28.09 5.18
N THR F 63 18.05 27.62 4.11
CA THR F 63 17.35 27.15 2.90
C THR F 63 17.11 25.63 2.84
N ALA F 64 16.11 25.20 2.07
CA ALA F 64 15.74 23.78 2.02
C ALA F 64 16.61 23.02 1.02
N GLY F 65 17.08 21.85 1.44
CA GLY F 65 17.98 21.05 0.64
C GLY F 65 17.44 20.57 -0.71
N GLN F 66 16.14 20.72 -0.93
CA GLN F 66 15.52 20.28 -2.18
C GLN F 66 15.68 21.31 -3.32
N GLU F 67 15.71 20.82 -4.56
CA GLU F 67 15.94 21.64 -5.76
C GLU F 67 14.63 22.18 -6.35
N ARG F 68 13.51 21.83 -5.73
CA ARG F 68 12.19 21.92 -6.34
C ARG F 68 11.50 23.28 -6.36
N TYR F 69 11.45 23.92 -5.19
CA TYR F 69 10.69 25.17 -4.99
C TYR F 69 11.63 26.37 -5.06
N HIS F 70 12.66 26.26 -5.88
CA HIS F 70 13.79 27.17 -5.88
C HIS F 70 13.48 28.68 -6.01
N SER F 71 12.47 29.04 -6.80
CA SER F 71 12.08 30.45 -6.96
C SER F 71 11.27 31.01 -5.78
N LEU F 72 11.08 32.35 -5.77
CA LEU F 72 10.34 33.12 -4.75
C LEU F 72 11.18 33.40 -3.49
N ALA F 73 12.49 33.31 -3.67
CA ALA F 73 13.55 33.44 -2.62
C ALA F 73 13.67 34.83 -1.83
N PRO F 74 13.89 35.93 -2.55
CA PRO F 74 14.08 37.21 -1.88
C PRO F 74 12.94 37.57 -0.92
N MET F 75 13.31 38.20 0.19
CA MET F 75 12.36 38.64 1.22
C MET F 75 11.28 39.55 0.65
N ALA F 80 16.87 41.59 2.62
CA ALA F 80 18.09 41.06 3.21
C ALA F 80 19.33 41.87 2.79
N GLN F 81 20.23 42.14 3.75
CA GLN F 81 21.47 42.91 3.48
C GLN F 81 22.77 42.08 3.45
N ALA F 82 22.69 40.79 3.79
CA ALA F 82 23.83 39.90 3.65
C ALA F 82 23.39 38.52 3.08
N ALA F 83 24.33 37.84 2.43
CA ALA F 83 24.06 36.53 1.80
C ALA F 83 25.30 35.64 1.64
N ILE F 84 25.06 34.34 1.59
CA ILE F 84 26.14 33.40 1.39
C ILE F 84 25.72 32.42 0.29
N VAL F 85 26.63 31.53 -0.13
CA VAL F 85 26.33 30.43 -1.08
C VAL F 85 27.19 29.22 -0.72
N VAL F 86 26.59 28.03 -0.59
CA VAL F 86 27.35 26.87 -0.13
C VAL F 86 27.36 25.66 -1.07
N TYR F 87 28.55 25.09 -1.29
CA TYR F 87 28.70 23.84 -2.02
C TYR F 87 29.58 22.87 -1.23
N ASP F 88 29.63 21.63 -1.68
CA ASP F 88 30.43 20.60 -1.03
C ASP F 88 31.62 20.21 -1.89
N ASN F 91 31.08 16.08 -4.80
CA ASN F 91 30.04 16.38 -5.80
C ASN F 91 30.21 17.77 -6.39
N GLU F 92 30.26 17.82 -7.72
CA GLU F 92 30.50 19.06 -8.45
C GLU F 92 29.17 19.71 -8.83
N GLU F 93 28.10 18.96 -8.60
CA GLU F 93 26.77 19.47 -8.84
C GLU F 93 26.46 20.61 -7.88
N SER F 94 26.90 20.45 -6.64
CA SER F 94 26.73 21.50 -5.64
C SER F 94 27.35 22.79 -6.15
N PHE F 95 28.52 22.65 -6.76
CA PHE F 95 29.22 23.76 -7.36
C PHE F 95 28.33 24.39 -8.43
N ALA F 96 27.82 23.56 -9.33
CA ALA F 96 26.97 24.05 -10.43
C ALA F 96 25.72 24.81 -9.95
N ARG F 97 25.03 24.22 -9.00
CA ARG F 97 23.86 24.85 -8.40
C ARG F 97 24.26 26.16 -7.76
N ALA F 98 25.41 26.18 -7.11
CA ALA F 98 25.94 27.43 -6.56
C ALA F 98 26.15 28.48 -7.65
N LYS F 99 26.53 28.02 -8.84
CA LYS F 99 26.71 28.90 -9.99
C LYS F 99 25.41 29.56 -10.41
N ASN F 100 24.42 28.75 -10.78
CA ASN F 100 23.12 29.34 -11.17
C ASN F 100 22.43 30.07 -10.01
N TRP F 101 22.90 29.78 -8.79
CA TRP F 101 22.38 30.41 -7.59
C TRP F 101 22.91 31.84 -7.46
N VAL F 102 24.21 32.01 -7.62
CA VAL F 102 24.78 33.34 -7.65
C VAL F 102 24.32 34.08 -8.90
N LYS F 103 24.01 33.32 -9.95
CA LYS F 103 23.47 33.90 -11.18
C LYS F 103 21.99 34.31 -11.05
N GLU F 104 21.29 33.76 -10.06
CA GLU F 104 19.95 34.25 -9.67
C GLU F 104 20.10 35.54 -8.81
N LEU F 105 21.05 35.49 -7.87
CA LEU F 105 21.31 36.58 -6.89
C LEU F 105 21.82 37.90 -7.45
N GLN F 106 22.88 37.85 -8.24
CA GLN F 106 23.48 39.07 -8.77
C GLN F 106 22.45 39.91 -9.51
N ARG F 107 21.59 39.24 -10.26
CA ARG F 107 20.58 39.93 -11.03
C ARG F 107 19.46 40.44 -10.14
N GLN F 108 18.76 39.55 -9.43
CA GLN F 108 17.47 39.92 -8.82
C GLN F 108 17.47 40.97 -7.68
N ALA F 109 18.42 40.86 -6.76
CA ALA F 109 18.29 41.58 -5.46
C ALA F 109 18.51 43.10 -5.48
N SER F 110 18.25 43.68 -4.32
CA SER F 110 18.65 45.05 -3.99
C SER F 110 20.17 45.12 -4.12
N PRO F 111 20.71 46.26 -4.56
CA PRO F 111 22.11 46.39 -4.97
C PRO F 111 23.17 46.28 -3.86
N ASN F 112 22.81 46.58 -2.60
CA ASN F 112 23.79 46.71 -1.51
C ASN F 112 24.42 45.43 -0.89
N ILE F 113 23.62 44.38 -0.73
CA ILE F 113 23.97 43.10 -0.10
C ILE F 113 25.31 42.47 -0.50
N VAL F 114 26.05 41.98 0.50
CA VAL F 114 27.34 41.33 0.27
C VAL F 114 27.23 39.79 0.32
N ILE F 115 27.95 39.09 -0.54
CA ILE F 115 27.88 37.63 -0.63
C ILE F 115 29.18 36.93 -0.13
N ALA F 116 29.06 35.68 0.34
CA ALA F 116 30.23 34.88 0.79
C ALA F 116 30.12 33.39 0.43
N LEU F 117 31.19 32.78 -0.08
CA LEU F 117 31.09 31.38 -0.58
C LEU F 117 31.81 30.31 0.26
N SER F 118 31.16 29.15 0.40
CA SER F 118 31.65 28.06 1.27
C SER F 118 31.93 26.73 0.58
N GLY F 119 33.20 26.30 0.65
CA GLY F 119 33.54 24.94 0.28
C GLY F 119 33.20 24.06 1.47
N ASN F 120 32.73 22.84 1.20
CA ASN F 120 32.27 21.99 2.28
C ASN F 120 32.59 20.52 2.06
N ARG F 128 40.31 16.99 -4.23
CA ARG F 128 39.15 16.12 -4.31
C ARG F 128 38.60 16.02 -5.72
N ALA F 129 37.30 16.22 -5.87
CA ALA F 129 36.65 16.14 -7.16
C ALA F 129 36.80 17.45 -7.94
N VAL F 130 37.19 18.51 -7.24
CA VAL F 130 37.34 19.82 -7.87
C VAL F 130 38.61 20.55 -7.44
N ASP F 131 39.30 21.14 -8.41
CA ASP F 131 40.43 22.02 -8.11
C ASP F 131 39.96 23.26 -7.41
N PHE F 132 40.65 23.61 -6.33
CA PHE F 132 40.42 24.87 -5.65
C PHE F 132 40.80 26.01 -6.57
N GLN F 133 41.83 25.82 -7.38
CA GLN F 133 42.31 26.86 -8.29
C GLN F 133 41.17 27.28 -9.23
N GLU F 134 40.35 26.29 -9.60
CA GLU F 134 39.21 26.51 -10.46
C GLU F 134 38.15 27.34 -9.74
N ALA F 135 37.79 26.89 -8.54
CA ALA F 135 36.79 27.56 -7.70
C ALA F 135 37.19 29.01 -7.38
N GLN F 136 38.48 29.22 -7.17
CA GLN F 136 39.04 30.51 -6.78
C GLN F 136 39.17 31.45 -7.98
N SER F 137 39.50 30.89 -9.14
CA SER F 137 39.48 31.67 -10.39
C SER F 137 38.06 32.18 -10.64
N TYR F 138 37.09 31.28 -10.51
CA TYR F 138 35.68 31.64 -10.63
C TYR F 138 35.30 32.75 -9.63
N ALA F 139 35.68 32.56 -8.38
CA ALA F 139 35.33 33.50 -7.30
C ALA F 139 35.92 34.90 -7.46
N ASP F 140 37.19 34.98 -7.86
CA ASP F 140 37.83 36.28 -8.03
C ASP F 140 37.49 36.92 -9.35
N ASP F 141 37.00 36.13 -10.30
CA ASP F 141 36.41 36.68 -11.52
C ASP F 141 35.20 37.56 -11.19
N ASN F 142 34.49 37.20 -10.12
CA ASN F 142 33.28 37.92 -9.71
C ASN F 142 33.40 38.62 -8.34
N SER F 143 34.64 38.78 -7.86
CA SER F 143 34.94 39.50 -6.62
C SER F 143 34.25 38.93 -5.38
N LEU F 145 33.86 37.72 -0.69
CA LEU F 145 34.63 36.91 0.26
C LEU F 145 34.38 35.39 0.14
N PHE F 146 35.46 34.61 0.07
CA PHE F 146 35.38 33.19 -0.30
C PHE F 146 36.31 32.31 0.53
N MET F 147 35.84 31.12 0.91
CA MET F 147 36.70 30.17 1.65
C MET F 147 36.19 28.73 1.74
N GLU F 148 37.08 27.84 2.14
CA GLU F 148 36.74 26.45 2.42
C GLU F 148 36.67 26.25 3.93
N THR F 149 35.68 25.50 4.39
CA THR F 149 35.40 25.41 5.82
C THR F 149 35.22 23.98 6.30
N SER F 150 35.60 23.74 7.56
CA SER F 150 35.42 22.44 8.20
C SER F 150 34.94 22.63 9.64
N ALA F 151 33.77 22.07 9.95
CA ALA F 151 33.06 22.36 11.20
C ALA F 151 33.32 21.37 12.32
N LYS F 152 33.69 20.14 11.97
CA LYS F 152 33.99 19.11 12.96
C LYS F 152 35.20 19.53 13.80
N THR F 153 36.20 20.10 13.14
CA THR F 153 37.32 20.71 13.86
C THR F 153 37.03 22.19 14.10
N SER F 154 35.88 22.63 13.58
CA SER F 154 35.48 24.03 13.61
C SER F 154 36.58 24.93 13.07
N MET F 155 37.01 24.65 11.85
CA MET F 155 38.11 25.37 11.23
C MET F 155 37.78 26.84 10.95
N ASN F 156 37.09 27.09 9.84
CA ASN F 156 36.76 28.47 9.46
C ASN F 156 35.35 28.86 9.89
N VAL F 157 34.80 28.11 10.84
CA VAL F 157 33.41 28.26 11.27
C VAL F 157 33.11 29.64 11.92
N ASN F 158 33.91 30.03 12.90
CA ASN F 158 33.78 31.37 13.51
C ASN F 158 34.09 32.47 12.49
N GLU F 159 35.12 32.20 11.68
CA GLU F 159 35.70 33.21 10.81
C GLU F 159 34.75 33.81 9.79
N ILE F 160 34.16 32.98 8.94
CA ILE F 160 33.37 33.49 7.83
C ILE F 160 32.26 34.43 8.33
N PHE F 161 31.68 34.10 9.48
CA PHE F 161 30.70 34.97 10.11
C PHE F 161 31.33 36.27 10.63
N MET F 162 32.44 36.14 11.37
CA MET F 162 33.09 37.34 11.91
C MET F 162 33.74 38.24 10.84
N ALA F 163 33.77 37.75 9.60
CA ALA F 163 34.31 38.49 8.47
C ALA F 163 33.15 39.04 7.63
N ILE F 164 32.02 38.34 7.68
CA ILE F 164 30.78 38.82 7.06
C ILE F 164 30.18 39.99 7.85
N ALA F 165 30.39 39.98 9.17
CA ALA F 165 29.86 41.04 10.04
C ALA F 165 30.54 42.39 9.83
N LYS F 166 31.87 42.41 9.80
CA LYS F 166 32.61 43.66 9.67
C LYS F 166 32.50 44.29 8.27
N LYS F 167 31.96 43.53 7.31
CA LYS F 167 31.73 44.00 5.94
C LYS F 167 30.50 44.94 5.82
N LEU F 168 29.37 44.51 6.37
CA LEU F 168 28.11 45.28 6.32
C LEU F 168 28.22 46.70 6.87
N PRO F 169 27.96 47.69 6.02
CA PRO F 169 27.97 49.09 6.48
C PRO F 169 26.70 49.44 7.24
N GLU G 2 -24.56 55.14 -9.74
CA GLU G 2 -23.57 54.21 -9.24
C GLU G 2 -24.21 53.18 -8.31
N THR G 3 -24.99 53.66 -7.33
CA THR G 3 -25.76 52.83 -6.40
C THR G 3 -26.66 51.84 -7.14
N ARG G 4 -27.19 52.28 -8.28
CA ARG G 4 -28.15 51.52 -9.09
C ARG G 4 -27.48 50.37 -9.81
N ASP G 5 -26.18 50.55 -10.03
CA ASP G 5 -25.26 49.53 -10.52
C ASP G 5 -24.87 48.56 -9.38
N GLN G 6 -24.47 49.15 -8.25
CA GLN G 6 -23.99 48.42 -7.07
C GLN G 6 -24.98 47.42 -6.44
N VAL G 7 -26.13 47.94 -6.06
CA VAL G 7 -27.17 47.18 -5.34
C VAL G 7 -27.67 45.91 -6.08
N LYS G 8 -27.71 45.97 -7.41
CA LYS G 8 -27.96 44.76 -8.16
C LYS G 8 -26.95 43.69 -7.75
N LYS G 9 -25.67 44.01 -7.92
CA LYS G 9 -24.62 43.02 -7.64
C LYS G 9 -24.60 42.53 -6.19
N LEU G 10 -24.88 43.40 -5.23
CA LEU G 10 -24.91 42.94 -3.84
C LEU G 10 -26.14 42.05 -3.53
N GLN G 11 -27.34 42.46 -3.96
CA GLN G 11 -28.50 41.59 -3.79
C GLN G 11 -28.26 40.23 -4.49
N LEU G 12 -27.37 40.26 -5.49
CA LEU G 12 -26.95 39.07 -6.22
C LEU G 12 -26.13 38.10 -5.42
N MET G 13 -24.96 38.54 -4.98
CA MET G 13 -24.12 37.65 -4.20
C MET G 13 -24.83 37.16 -2.94
N LEU G 14 -25.60 38.04 -2.30
CA LEU G 14 -26.30 37.62 -1.10
C LEU G 14 -27.39 36.61 -1.41
N ARG G 15 -28.20 36.81 -2.44
CA ARG G 15 -29.19 35.78 -2.80
C ARG G 15 -28.57 34.41 -3.23
N GLN G 16 -27.57 34.46 -4.13
CA GLN G 16 -26.95 33.24 -4.65
C GLN G 16 -26.39 32.46 -3.53
N ALA G 17 -25.61 33.18 -2.75
CA ALA G 17 -24.97 32.62 -1.62
C ALA G 17 -25.99 32.17 -0.55
N ASN G 18 -27.17 32.75 -0.49
CA ASN G 18 -28.05 32.22 0.53
C ASN G 18 -28.51 30.85 0.09
N ASP G 19 -28.88 30.75 -1.19
CA ASP G 19 -29.25 29.43 -1.73
C ASP G 19 -28.08 28.45 -1.57
N GLN G 20 -26.88 28.98 -1.59
CA GLN G 20 -25.68 28.16 -1.46
C GLN G 20 -25.46 27.60 -0.06
N LEU G 21 -25.66 28.46 0.92
CA LEU G 21 -25.70 28.05 2.29
C LEU G 21 -26.70 26.92 2.31
N GLU G 22 -27.90 27.14 1.74
CA GLU G 22 -28.98 26.14 1.77
C GLU G 22 -28.52 24.75 1.25
N LYS G 23 -27.76 24.78 0.14
CA LYS G 23 -27.18 23.55 -0.42
C LYS G 23 -26.33 22.89 0.63
N THR G 24 -25.33 23.62 1.07
CA THR G 24 -24.37 23.00 1.93
C THR G 24 -25.06 22.53 3.21
N MET G 25 -26.07 23.25 3.70
CA MET G 25 -26.84 22.76 4.84
C MET G 25 -27.57 21.40 4.69
N LYS G 26 -28.40 21.31 3.67
CA LYS G 26 -29.10 20.05 3.41
C LYS G 26 -28.03 18.96 3.28
N ASP G 27 -27.03 19.22 2.44
CA ASP G 27 -25.97 18.26 2.11
C ASP G 27 -25.30 17.66 3.31
N LYS G 28 -24.82 18.52 4.21
CA LYS G 28 -24.18 18.00 5.39
C LYS G 28 -25.15 17.21 6.24
N GLN G 29 -26.26 17.80 6.66
CA GLN G 29 -27.09 17.04 7.57
C GLN G 29 -27.49 15.64 7.02
N GLU G 30 -27.72 15.58 5.71
CA GLU G 30 -27.99 14.30 5.08
C GLU G 30 -26.76 13.37 5.10
N LEU G 31 -25.60 13.89 4.71
CA LEU G 31 -24.43 13.06 4.55
C LEU G 31 -24.09 12.42 5.83
N GLU G 32 -24.19 13.20 6.89
CA GLU G 32 -23.91 12.64 8.19
C GLU G 32 -24.93 11.60 8.62
N ASP G 33 -26.20 11.89 8.43
CA ASP G 33 -27.20 10.92 8.83
C ASP G 33 -26.86 9.57 8.16
N PHE G 34 -26.40 9.72 6.93
CA PHE G 34 -25.97 8.63 6.07
C PHE G 34 -24.87 7.84 6.71
N ILE G 35 -23.84 8.53 7.16
CA ILE G 35 -22.70 7.78 7.67
C ILE G 35 -23.04 7.08 8.98
N LYS G 36 -23.83 7.73 9.83
CA LYS G 36 -24.19 7.12 11.08
C LYS G 36 -24.80 5.75 10.74
N GLN G 37 -25.67 5.76 9.72
CA GLN G 37 -26.26 4.50 9.28
C GLN G 37 -25.16 3.54 8.80
N SER G 38 -24.19 4.10 8.06
CA SER G 38 -23.15 3.29 7.45
C SER G 38 -22.33 2.49 8.42
N SER G 39 -21.90 3.12 9.50
CA SER G 39 -21.23 2.35 10.53
C SER G 39 -22.23 1.32 11.03
N GLU G 40 -23.51 1.65 11.11
CA GLU G 40 -24.30 0.57 11.68
C GLU G 40 -24.38 -0.63 10.83
N ASP G 41 -24.73 -0.47 9.57
CA ASP G 41 -24.80 -1.67 8.76
C ASP G 41 -23.40 -2.12 8.35
N SER G 42 -22.39 -1.35 8.75
CA SER G 42 -21.05 -1.84 8.57
C SER G 42 -20.71 -2.78 9.70
N SER G 43 -20.96 -2.37 10.92
CA SER G 43 -20.60 -3.20 12.03
C SER G 43 -21.46 -4.41 12.16
N HIS G 44 -22.78 -4.23 12.35
CA HIS G 44 -23.63 -5.36 12.75
C HIS G 44 -23.33 -6.52 11.86
N GLN G 45 -23.25 -6.23 10.58
CA GLN G 45 -22.91 -7.24 9.65
C GLN G 45 -21.50 -7.66 9.74
N ILE G 46 -20.61 -6.73 10.03
CA ILE G 46 -19.24 -7.11 9.87
C ILE G 46 -18.87 -8.12 10.93
N SER G 47 -19.29 -7.88 12.16
CA SER G 47 -19.01 -8.77 13.27
C SER G 47 -19.81 -10.02 13.07
N ALA G 48 -21.08 -9.90 12.70
CA ALA G 48 -21.86 -11.08 12.39
C ALA G 48 -21.17 -11.76 11.22
N LEU G 49 -20.28 -11.07 10.54
CA LEU G 49 -19.51 -11.85 9.61
C LEU G 49 -18.31 -12.55 10.25
N VAL G 50 -17.44 -11.80 10.94
CA VAL G 50 -16.20 -12.43 11.36
C VAL G 50 -16.55 -13.47 12.33
N LEU G 51 -17.42 -13.10 13.23
CA LEU G 51 -17.75 -13.94 14.31
C LEU G 51 -18.31 -15.27 13.84
N ARG G 52 -19.03 -15.25 12.74
CA ARG G 52 -19.45 -16.54 12.29
C ARG G 52 -18.20 -17.14 11.70
N ALA G 53 -17.40 -16.35 11.02
CA ALA G 53 -16.25 -16.90 10.32
C ALA G 53 -15.22 -17.63 11.18
N GLN G 54 -14.48 -16.94 12.05
CA GLN G 54 -13.31 -17.60 12.62
C GLN G 54 -13.72 -18.83 13.41
N ALA G 55 -14.96 -18.79 13.86
CA ALA G 55 -15.66 -19.91 14.44
C ALA G 55 -16.41 -20.83 13.42
N SER G 56 -16.56 -20.42 12.16
CA SER G 56 -17.25 -21.35 11.26
C SER G 56 -16.31 -22.10 10.39
N GLU G 57 -15.23 -21.45 10.00
CA GLU G 57 -14.11 -22.06 9.27
C GLU G 57 -13.27 -23.04 10.07
N ILE G 58 -13.63 -23.25 11.33
CA ILE G 58 -13.04 -24.34 12.15
C ILE G 58 -13.65 -25.66 11.72
N LEU G 59 -14.96 -25.59 11.47
CA LEU G 59 -15.77 -26.76 11.31
C LEU G 59 -15.17 -27.60 10.26
N LEU G 60 -14.70 -26.93 9.23
CA LEU G 60 -14.01 -27.61 8.17
C LEU G 60 -12.65 -28.13 8.69
N GLU G 61 -12.02 -27.48 9.68
CA GLU G 61 -10.70 -27.97 10.13
C GLU G 61 -10.71 -29.29 10.93
N GLU G 62 -11.64 -29.36 11.86
CA GLU G 62 -11.88 -30.55 12.67
C GLU G 62 -12.42 -31.65 11.80
N LEU G 63 -13.04 -31.26 10.68
CA LEU G 63 -13.40 -32.29 9.69
C LEU G 63 -12.16 -32.80 8.92
N GLN G 64 -11.25 -31.96 8.39
CA GLN G 64 -10.03 -32.47 7.70
C GLN G 64 -9.21 -33.38 8.61
N GLN G 65 -9.06 -32.96 9.86
CA GLN G 65 -8.35 -33.80 10.81
C GLN G 65 -9.20 -34.99 11.26
N GLY G 66 -10.49 -34.73 11.37
CA GLY G 66 -11.47 -35.67 11.86
C GLY G 66 -11.72 -36.80 10.88
N LEU G 67 -11.28 -36.68 9.64
CA LEU G 67 -11.47 -37.81 8.74
C LEU G 67 -10.44 -38.88 8.97
N SER G 68 -9.19 -38.47 9.13
CA SER G 68 -8.09 -39.43 9.07
C SER G 68 -8.11 -40.57 10.09
N GLN G 69 -8.70 -40.34 11.25
CA GLN G 69 -8.94 -41.42 12.18
C GLN G 69 -10.19 -42.16 11.66
N ALA G 70 -11.17 -41.47 11.09
CA ALA G 70 -12.39 -42.17 10.65
C ALA G 70 -12.15 -42.98 9.41
N LYS G 71 -11.11 -42.62 8.69
CA LYS G 71 -10.61 -43.41 7.59
C LYS G 71 -9.79 -44.52 8.21
N ARG G 72 -9.08 -44.21 9.29
CA ARG G 72 -8.30 -45.26 9.97
C ARG G 72 -9.24 -46.33 10.56
N ASP G 73 -10.45 -45.90 10.93
CA ASP G 73 -11.42 -46.78 11.57
C ASP G 73 -11.82 -47.90 10.67
N VAL G 74 -12.31 -47.56 9.50
CA VAL G 74 -12.69 -48.57 8.52
C VAL G 74 -11.49 -49.28 7.88
N GLN G 75 -10.36 -48.58 7.73
CA GLN G 75 -9.16 -49.23 7.20
C GLN G 75 -8.71 -50.33 8.14
N GLU G 76 -8.86 -50.08 9.43
CA GLU G 76 -8.62 -51.06 10.46
C GLU G 76 -9.75 -52.09 10.39
N GLN G 77 -10.94 -51.64 9.99
CA GLN G 77 -12.14 -52.47 9.95
C GLN G 77 -12.10 -53.56 8.91
N MET G 78 -11.41 -53.31 7.82
CA MET G 78 -11.29 -54.34 6.80
C MET G 78 -10.27 -55.40 7.20
N ALA G 79 -9.42 -55.05 8.17
CA ALA G 79 -8.40 -55.96 8.71
C ALA G 79 -9.01 -57.08 9.55
N VAL G 80 -10.19 -56.80 10.12
CA VAL G 80 -10.92 -57.78 10.88
C VAL G 80 -11.44 -58.86 9.95
N LEU G 81 -11.57 -58.49 8.68
CA LEU G 81 -12.08 -59.41 7.68
C LEU G 81 -11.08 -60.47 7.14
N MET G 82 -9.80 -60.13 7.03
CA MET G 82 -8.82 -61.09 6.52
C MET G 82 -8.73 -62.32 7.43
N GLN G 83 -9.06 -62.12 8.71
CA GLN G 83 -9.06 -63.20 9.69
C GLN G 83 -10.35 -64.02 9.54
N SER G 84 -11.43 -63.35 9.12
CA SER G 84 -12.74 -63.98 8.94
C SER G 84 -12.84 -64.76 7.62
N ARG G 85 -11.70 -64.96 6.96
CA ARG G 85 -11.64 -65.74 5.73
C ARG G 85 -11.39 -67.22 6.01
N THR H 3 -27.04 54.64 -1.46
CA THR H 3 -26.46 55.38 -0.33
C THR H 3 -25.60 54.47 0.57
N ARG H 4 -25.12 55.02 1.68
CA ARG H 4 -24.23 54.28 2.60
C ARG H 4 -24.95 53.24 3.47
N ASP H 5 -26.25 53.42 3.68
CA ASP H 5 -26.99 52.36 4.33
C ASP H 5 -27.08 51.22 3.33
N GLN H 6 -27.55 51.57 2.13
CA GLN H 6 -27.85 50.63 1.06
C GLN H 6 -26.70 49.71 0.63
N VAL H 7 -25.47 50.10 0.88
CA VAL H 7 -24.36 49.29 0.41
C VAL H 7 -23.32 48.89 1.46
N LYS H 8 -22.92 49.83 2.31
CA LYS H 8 -21.99 49.51 3.39
C LYS H 8 -22.53 48.43 4.30
N LYS H 9 -23.69 48.70 4.90
CA LYS H 9 -24.26 47.74 5.84
C LYS H 9 -24.56 46.41 5.12
N LEU H 10 -24.90 46.51 3.83
CA LEU H 10 -25.15 45.32 3.01
C LEU H 10 -23.88 44.49 2.77
N GLN H 11 -22.78 45.17 2.43
CA GLN H 11 -21.48 44.53 2.26
C GLN H 11 -21.01 43.82 3.55
N LEU H 12 -21.40 44.38 4.68
CA LEU H 12 -21.11 43.74 5.95
C LEU H 12 -21.98 42.48 6.08
N MET H 13 -23.29 42.59 5.83
CA MET H 13 -24.16 41.42 5.90
C MET H 13 -23.66 40.30 5.03
N LEU H 14 -23.18 40.64 3.86
CA LEU H 14 -22.61 39.65 2.96
C LEU H 14 -21.37 39.05 3.57
N ARG H 15 -20.48 39.90 4.08
CA ARG H 15 -19.24 39.44 4.69
C ARG H 15 -19.52 38.38 5.76
N GLN H 16 -20.44 38.67 6.66
CA GLN H 16 -20.78 37.69 7.67
C GLN H 16 -21.44 36.45 7.08
N ALA H 17 -22.37 36.60 6.15
CA ALA H 17 -23.01 35.41 5.60
C ALA H 17 -21.97 34.53 4.93
N ASN H 18 -20.92 35.17 4.45
CA ASN H 18 -19.75 34.51 3.87
C ASN H 18 -18.81 33.83 4.86
N ASP H 19 -18.56 34.46 6.00
CA ASP H 19 -17.78 33.80 7.05
C ASP H 19 -18.53 32.52 7.37
N GLN H 20 -19.85 32.65 7.29
CA GLN H 20 -20.74 31.61 7.68
C GLN H 20 -20.75 30.41 6.77
N LEU H 21 -20.92 30.67 5.49
CA LEU H 21 -20.76 29.56 4.59
C LEU H 21 -19.42 28.97 4.95
N GLU H 22 -18.36 29.79 5.13
CA GLU H 22 -17.00 29.25 5.28
C GLU H 22 -16.91 28.20 6.33
N LYS H 23 -17.49 28.50 7.48
CA LYS H 23 -17.55 27.54 8.57
C LYS H 23 -18.34 26.28 8.15
N THR H 24 -19.55 26.43 7.62
CA THR H 24 -20.29 25.20 7.30
C THR H 24 -19.62 24.32 6.21
N MET H 25 -19.03 24.97 5.22
CA MET H 25 -18.21 24.28 4.25
C MET H 25 -17.03 23.54 4.95
N LYS H 26 -16.33 24.24 5.85
CA LYS H 26 -15.25 23.63 6.63
C LYS H 26 -15.81 22.37 7.27
N ASP H 27 -16.92 22.52 7.96
CA ASP H 27 -17.53 21.47 8.73
C ASP H 27 -17.86 20.24 7.92
N LYS H 28 -18.59 20.45 6.84
CA LYS H 28 -18.90 19.31 6.01
C LYS H 28 -17.61 18.66 5.58
N GLN H 29 -16.74 19.36 4.85
CA GLN H 29 -15.56 18.69 4.34
C GLN H 29 -14.78 17.95 5.44
N GLU H 30 -14.86 18.41 6.70
CA GLU H 30 -14.25 17.62 7.78
C GLU H 30 -14.95 16.27 7.99
N LEU H 31 -16.27 16.31 8.10
CA LEU H 31 -17.00 15.09 8.36
C LEU H 31 -16.79 14.18 7.16
N GLU H 32 -16.84 14.76 5.99
CA GLU H 32 -16.67 14.03 4.76
C GLU H 32 -15.25 13.38 4.67
N ASP H 33 -14.20 14.15 4.95
CA ASP H 33 -12.86 13.60 4.86
C ASP H 33 -12.85 12.38 5.76
N PHE H 34 -13.55 12.51 6.88
CA PHE H 34 -13.63 11.44 7.88
C PHE H 34 -14.20 10.16 7.32
N ILE H 35 -15.30 10.23 6.58
CA ILE H 35 -15.86 8.95 6.15
C ILE H 35 -14.92 8.36 5.17
N LYS H 36 -14.22 9.21 4.43
CA LYS H 36 -13.22 8.63 3.56
C LYS H 36 -12.22 7.85 4.44
N GLN H 37 -11.80 8.39 5.59
CA GLN H 37 -10.84 7.61 6.43
C GLN H 37 -11.41 6.29 7.04
N SER H 38 -12.65 6.32 7.59
CA SER H 38 -13.26 5.10 8.15
C SER H 38 -13.38 4.06 7.03
N SER H 39 -13.81 4.52 5.87
CA SER H 39 -13.86 3.68 4.69
C SER H 39 -12.48 3.13 4.30
N GLU H 40 -11.43 3.91 4.47
CA GLU H 40 -10.09 3.43 4.17
C GLU H 40 -9.64 2.33 5.12
N ASP H 41 -9.86 2.53 6.40
CA ASP H 41 -9.34 1.59 7.38
C ASP H 41 -10.17 0.30 7.40
N SER H 42 -11.41 0.40 6.97
CA SER H 42 -12.24 -0.78 6.74
C SER H 42 -11.65 -1.41 5.55
N SER H 43 -11.22 -0.55 4.67
CA SER H 43 -10.84 -1.05 3.41
C SER H 43 -9.64 -1.96 3.48
N HIS H 44 -8.49 -1.47 3.93
CA HIS H 44 -7.30 -2.31 3.83
C HIS H 44 -7.60 -3.68 4.42
N GLN H 45 -8.39 -3.70 5.49
CA GLN H 45 -8.82 -4.92 6.19
C GLN H 45 -9.80 -5.85 5.49
N ILE H 46 -10.73 -5.29 4.73
CA ILE H 46 -11.84 -6.11 4.31
C ILE H 46 -11.45 -7.34 3.48
N SER H 47 -10.38 -7.18 2.70
CA SER H 47 -9.82 -8.27 1.89
C SER H 47 -9.13 -9.36 2.73
N ALA H 48 -8.35 -8.96 3.74
CA ALA H 48 -7.73 -9.95 4.63
C ALA H 48 -8.87 -10.74 5.24
N LEU H 49 -10.03 -10.06 5.31
CA LEU H 49 -11.30 -10.67 5.70
C LEU H 49 -11.81 -11.57 4.60
N VAL H 50 -11.56 -11.22 3.36
CA VAL H 50 -11.97 -12.21 2.41
C VAL H 50 -11.07 -13.45 2.47
N LEU H 51 -9.78 -13.20 2.64
CA LEU H 51 -8.74 -14.21 2.48
C LEU H 51 -8.91 -15.48 3.32
N ARG H 52 -9.31 -15.30 4.57
CA ARG H 52 -9.55 -16.46 5.40
C ARG H 52 -10.81 -17.14 4.84
N ALA H 53 -11.78 -16.36 4.36
CA ALA H 53 -13.05 -16.91 3.90
C ALA H 53 -12.70 -17.90 2.81
N GLN H 54 -12.08 -17.46 1.72
CA GLN H 54 -11.86 -18.41 0.58
C GLN H 54 -10.80 -19.46 0.78
N ALA H 55 -9.93 -19.23 1.75
CA ALA H 55 -8.97 -20.26 1.99
C ALA H 55 -9.77 -21.33 2.67
N SER H 56 -10.70 -20.89 3.45
CA SER H 56 -11.52 -21.84 4.14
C SER H 56 -12.81 -22.00 3.31
N GLU H 57 -12.58 -21.96 2.00
CA GLU H 57 -13.48 -22.47 0.99
C GLU H 57 -12.66 -23.55 0.30
N ILE H 58 -11.36 -23.29 0.16
CA ILE H 58 -10.51 -24.24 -0.56
C ILE H 58 -10.38 -25.51 0.24
N LEU H 59 -10.20 -25.35 1.56
CA LEU H 59 -9.93 -26.53 2.43
C LEU H 59 -11.11 -27.48 2.32
N LEU H 60 -12.29 -26.89 2.18
CA LEU H 60 -13.50 -27.67 1.97
C LEU H 60 -13.58 -28.27 0.56
N GLU H 61 -13.15 -27.60 -0.50
CA GLU H 61 -13.25 -28.36 -1.75
C GLU H 61 -12.25 -29.52 -1.82
N GLU H 62 -11.03 -29.32 -1.32
CA GLU H 62 -10.05 -30.40 -1.38
C GLU H 62 -10.54 -31.56 -0.54
N LEU H 63 -11.21 -31.24 0.57
CA LEU H 63 -11.76 -32.27 1.49
C LEU H 63 -12.93 -33.09 0.95
N GLN H 64 -13.88 -32.36 0.39
CA GLN H 64 -15.03 -32.97 -0.24
C GLN H 64 -14.42 -33.93 -1.28
N GLN H 65 -13.34 -33.48 -1.94
CA GLN H 65 -12.65 -34.26 -2.97
C GLN H 65 -11.97 -35.55 -2.49
N GLY H 66 -11.31 -35.48 -1.34
CA GLY H 66 -10.60 -36.64 -0.90
C GLY H 66 -11.58 -37.68 -0.44
N LEU H 67 -12.73 -37.26 0.06
CA LEU H 67 -13.70 -38.28 0.44
C LEU H 67 -14.32 -38.84 -0.82
N SER H 68 -14.56 -37.96 -1.78
CA SER H 68 -15.17 -38.38 -3.02
C SER H 68 -14.24 -39.44 -3.60
N GLN H 69 -12.99 -39.41 -3.17
CA GLN H 69 -12.08 -40.51 -3.45
C GLN H 69 -12.27 -41.75 -2.56
N ALA H 70 -12.42 -41.55 -1.25
CA ALA H 70 -12.46 -42.71 -0.32
C ALA H 70 -13.72 -43.57 -0.36
N LYS H 71 -14.83 -43.03 -0.85
CA LYS H 71 -15.99 -43.91 -1.03
C LYS H 71 -15.71 -44.83 -2.22
N ARG H 72 -15.01 -44.29 -3.23
CA ARG H 72 -14.61 -45.06 -4.40
C ARG H 72 -13.59 -46.13 -4.02
N ASP H 73 -12.66 -45.78 -3.12
CA ASP H 73 -11.65 -46.73 -2.70
C ASP H 73 -12.18 -47.88 -1.82
N VAL H 74 -12.98 -47.57 -0.80
CA VAL H 74 -13.48 -48.70 -0.04
C VAL H 74 -14.40 -49.54 -0.92
N GLN H 75 -15.13 -48.91 -1.86
CA GLN H 75 -15.96 -49.71 -2.75
C GLN H 75 -15.14 -50.67 -3.66
N GLU H 76 -14.01 -50.21 -4.18
CA GLU H 76 -13.19 -51.13 -4.97
C GLU H 76 -12.54 -52.19 -4.09
N GLN H 77 -12.19 -51.82 -2.86
CA GLN H 77 -11.54 -52.78 -1.96
C GLN H 77 -12.50 -53.90 -1.49
N MET H 78 -13.76 -53.55 -1.27
CA MET H 78 -14.76 -54.56 -0.94
C MET H 78 -15.14 -55.29 -2.20
N ALA H 79 -14.80 -54.71 -3.36
CA ALA H 79 -14.94 -55.44 -4.62
C ALA H 79 -13.83 -56.50 -4.73
N VAL H 80 -12.67 -56.23 -4.13
CA VAL H 80 -11.57 -57.22 -4.07
C VAL H 80 -11.87 -58.34 -3.04
N LEU H 81 -12.67 -58.03 -2.03
CA LEU H 81 -13.02 -59.06 -1.03
C LEU H 81 -14.07 -60.11 -1.45
N MET H 82 -15.06 -59.71 -2.24
CA MET H 82 -16.19 -60.57 -2.60
C MET H 82 -15.78 -61.85 -3.32
N GLN H 83 -14.53 -61.93 -3.76
CA GLN H 83 -14.01 -63.08 -4.50
C GLN H 83 -13.79 -64.33 -3.62
N SER H 84 -13.71 -65.49 -4.29
CA SER H 84 -13.56 -66.81 -3.68
C SER H 84 -12.15 -67.03 -3.14
#